data_4PG7
#
_entry.id   4PG7
#
_cell.length_a   73.040
_cell.length_b   117.660
_cell.length_c   119.480
_cell.angle_alpha   90.000
_cell.angle_beta   90.000
_cell.angle_gamma   90.000
#
_symmetry.space_group_name_H-M   'P 21 21 21'
#
loop_
_entity.id
_entity.type
_entity.pdbx_description
1 polymer 'Homoserine dehydrogenase'
2 non-polymer 'ACETATE ION'
3 non-polymer GLYCEROL
4 non-polymer LYSINE
5 non-polymer DI(HYDROXYETHYL)ETHER
6 water water
#
_entity_poly.entity_id   1
_entity_poly.type   'polypeptide(L)'
_entity_poly.pdbx_seq_one_letter_code
;MGSSHHHHHHSSGLVPRGSHMKKLNIALLGLGTVGSGVVKIIEENRQQIQDTLNKDIVIKHILVRDKSKKRPLNISQYHL
TEDVNEILNDDSLDIIVEVMGGIEPTVDWLRTALKNKKHVITANKDLLAVHLKLLEDLAEENGVALKFEASVAGGIPIVN
AINNGLNANNISKFMGILNGTSNFILSKMTKEQTTFEEALDEAKRLGFAEADPTDDVEGVDAARKVVITSYLSFNQVIKL
NDVKRRGISGVTLTDINVADQLGYKIKLIGKGIYENGKVNASVEPTLIDKKHQLAAVEDEYNAIYVIGDAVGDTMFYGKG
AGSLATGSAVVSDLLNVALFFESDLHTLPPHFELKTDKTREMMDSDAEINIKEKSNFFVVVNHVKGSIENFENELKAILP
FHRSLRVANYDNQSYAAVIVGLESSPEELITKHGYEVDKVYPVEGVLEDPAANKARKEAELAAATAEQ
;
_entity_poly.pdbx_strand_id   A,B
#
# COMPACT_ATOMS: atom_id res chain seq x y z
N HIS A 20 37.72 -16.53 -8.25
CA HIS A 20 37.36 -15.80 -7.00
C HIS A 20 35.88 -15.97 -6.62
N MET A 21 35.22 -17.00 -7.16
CA MET A 21 33.81 -17.25 -6.87
C MET A 21 33.66 -18.02 -5.56
N LYS A 22 32.89 -17.47 -4.64
CA LYS A 22 32.61 -18.14 -3.37
C LYS A 22 31.36 -19.03 -3.49
N LYS A 23 31.49 -20.26 -3.02
CA LYS A 23 30.38 -21.21 -2.96
C LYS A 23 29.53 -20.91 -1.71
N LEU A 24 28.23 -20.74 -1.92
CA LEU A 24 27.27 -20.61 -0.82
C LEU A 24 26.53 -21.93 -0.70
N ASN A 25 26.85 -22.69 0.33
CA ASN A 25 26.25 -24.01 0.53
C ASN A 25 24.97 -23.87 1.35
N ILE A 26 23.86 -24.32 0.77
CA ILE A 26 22.58 -24.21 1.44
C ILE A 26 21.90 -25.55 1.55
N ALA A 27 20.96 -25.63 2.47
CA ALA A 27 20.05 -26.76 2.59
C ALA A 27 18.59 -26.29 2.64
N LEU A 28 17.71 -27.09 2.05
CA LEU A 28 16.27 -26.85 2.08
C LEU A 28 15.61 -27.82 3.03
N LEU A 29 14.77 -27.31 3.91
CA LEU A 29 13.98 -28.16 4.77
C LEU A 29 12.57 -28.16 4.20
N GLY A 30 12.23 -29.23 3.49
CA GLY A 30 10.92 -29.38 2.86
C GLY A 30 10.97 -29.18 1.35
N LEU A 31 10.12 -29.89 0.63
CA LEU A 31 10.08 -29.82 -0.81
C LEU A 31 8.64 -29.95 -1.34
N GLY A 32 7.75 -29.11 -0.83
CA GLY A 32 6.37 -29.07 -1.35
C GLY A 32 6.34 -28.18 -2.58
N THR A 33 5.23 -27.50 -2.81
CA THR A 33 5.12 -26.59 -3.94
C THR A 33 6.05 -25.40 -3.77
N VAL A 34 6.17 -24.90 -2.54
CA VAL A 34 7.06 -23.75 -2.30
C VAL A 34 8.53 -24.20 -2.46
N GLY A 35 8.89 -25.32 -1.84
CA GLY A 35 10.27 -25.86 -1.96
C GLY A 35 10.67 -26.14 -3.39
N SER A 36 9.78 -26.80 -4.14
CA SER A 36 10.03 -27.04 -5.57
C SER A 36 10.24 -25.75 -6.33
N GLY A 37 9.39 -24.76 -6.06
CA GLY A 37 9.52 -23.44 -6.65
C GLY A 37 10.83 -22.76 -6.33
N VAL A 38 11.28 -22.86 -5.07
CA VAL A 38 12.58 -22.31 -4.68
C VAL A 38 13.70 -22.94 -5.48
N VAL A 39 13.65 -24.26 -5.62
CA VAL A 39 14.69 -24.98 -6.36
C VAL A 39 14.71 -24.50 -7.81
N LYS A 40 13.54 -24.48 -8.47
CA LYS A 40 13.45 -24.05 -9.87
C LYS A 40 13.98 -22.65 -10.08
N ILE A 41 13.63 -21.75 -9.18
CA ILE A 41 14.08 -20.36 -9.28
C ILE A 41 15.60 -20.26 -9.16
N ILE A 42 16.18 -20.98 -8.20
CA ILE A 42 17.63 -21.01 -8.07
C ILE A 42 18.30 -21.59 -9.32
N GLU A 43 17.79 -22.71 -9.82
CA GLU A 43 18.34 -23.32 -11.04
C GLU A 43 18.37 -22.33 -12.20
N GLU A 44 17.20 -21.77 -12.48
CA GLU A 44 17.01 -20.85 -13.61
C GLU A 44 17.84 -19.57 -13.51
N ASN A 45 18.21 -19.17 -12.29
CA ASN A 45 18.98 -17.94 -12.08
C ASN A 45 20.40 -18.17 -11.61
N ARG A 46 20.85 -19.42 -11.59
CA ARG A 46 22.14 -19.75 -11.00
C ARG A 46 23.30 -19.05 -11.72
N GLN A 47 23.33 -19.17 -13.05
CA GLN A 47 24.40 -18.57 -13.86
C GLN A 47 24.44 -17.05 -13.66
N GLN A 48 23.26 -16.44 -13.65
CA GLN A 48 23.12 -15.00 -13.40
C GLN A 48 23.64 -14.56 -12.03
N ILE A 49 23.35 -15.35 -11.00
CA ILE A 49 23.79 -15.05 -9.63
C ILE A 49 25.32 -15.18 -9.51
N GLN A 50 25.89 -16.14 -10.23
CA GLN A 50 27.35 -16.26 -10.32
C GLN A 50 27.96 -15.06 -11.02
N ASP A 51 27.51 -14.82 -12.26
CA ASP A 51 28.03 -13.73 -13.07
C ASP A 51 27.88 -12.37 -12.38
N THR A 52 26.71 -12.12 -11.78
CA THR A 52 26.42 -10.84 -11.14
C THR A 52 27.07 -10.70 -9.77
N LEU A 53 26.63 -11.51 -8.80
CA LEU A 53 27.10 -11.37 -7.41
C LEU A 53 28.36 -12.19 -7.08
N ASN A 54 28.92 -12.89 -8.07
CA ASN A 54 30.09 -13.77 -7.86
C ASN A 54 29.86 -14.78 -6.72
N LYS A 55 28.64 -15.29 -6.65
CA LYS A 55 28.26 -16.28 -5.66
C LYS A 55 27.70 -17.51 -6.36
N ASP A 56 28.16 -18.69 -5.93
CA ASP A 56 27.65 -19.94 -6.47
C ASP A 56 26.80 -20.64 -5.42
N ILE A 57 25.48 -20.64 -5.63
CA ILE A 57 24.55 -21.25 -4.69
C ILE A 57 24.48 -22.75 -4.93
N VAL A 58 24.86 -23.52 -3.92
CA VAL A 58 24.82 -24.98 -4.01
C VAL A 58 23.81 -25.50 -3.00
N ILE A 59 22.78 -26.14 -3.54
CA ILE A 59 21.80 -26.83 -2.73
C ILE A 59 22.38 -28.19 -2.40
N LYS A 60 22.97 -28.28 -1.22
CA LYS A 60 23.73 -29.47 -0.83
C LYS A 60 22.87 -30.57 -0.23
N HIS A 61 21.76 -30.18 0.42
CA HIS A 61 20.84 -31.14 1.03
C HIS A 61 19.41 -30.62 0.89
N ILE A 62 18.47 -31.56 0.68
CA ILE A 62 17.08 -31.27 0.80
C ILE A 62 16.46 -32.27 1.77
N LEU A 63 15.91 -31.77 2.87
CA LEU A 63 15.16 -32.62 3.79
C LEU A 63 13.76 -32.86 3.24
N VAL A 64 13.40 -34.13 3.12
CA VAL A 64 12.05 -34.52 2.74
C VAL A 64 11.52 -35.52 3.76
N ARG A 65 10.20 -35.61 3.88
CA ARG A 65 9.54 -36.60 4.75
C ARG A 65 9.75 -38.01 4.21
N ASP A 66 9.64 -38.17 2.89
CA ASP A 66 9.73 -39.49 2.24
C ASP A 66 10.52 -39.41 0.94
N LYS A 67 11.72 -39.98 0.95
CA LYS A 67 12.69 -39.79 -0.12
C LYS A 67 12.64 -40.85 -1.21
N SER A 68 11.89 -41.94 -0.97
CA SER A 68 11.59 -42.91 -2.02
C SER A 68 10.56 -42.37 -3.01
N LYS A 69 9.66 -41.49 -2.53
CA LYS A 69 8.59 -40.92 -3.36
C LYS A 69 9.07 -40.44 -4.74
N LYS A 70 8.29 -40.73 -5.78
CA LYS A 70 8.65 -40.30 -7.13
C LYS A 70 8.56 -38.79 -7.24
N ARG A 71 9.54 -38.21 -7.89
CA ARG A 71 9.69 -36.77 -8.03
C ARG A 71 10.11 -36.42 -9.43
N PRO A 72 9.93 -35.15 -9.86
CA PRO A 72 10.42 -34.85 -11.19
C PRO A 72 11.95 -35.07 -11.30
N LEU A 73 12.42 -35.14 -12.54
CA LEU A 73 13.82 -35.46 -12.83
C LEU A 73 14.82 -34.47 -12.21
N ASN A 74 14.45 -33.19 -12.21
CA ASN A 74 15.37 -32.16 -11.76
C ASN A 74 15.72 -32.40 -10.28
N ILE A 75 14.74 -32.87 -9.52
CA ILE A 75 14.92 -33.12 -8.08
C ILE A 75 15.89 -34.24 -7.81
N SER A 76 15.87 -35.28 -8.64
CA SER A 76 16.79 -36.40 -8.45
C SER A 76 18.26 -36.00 -8.56
N GLN A 77 18.58 -34.77 -8.98
CA GLN A 77 19.97 -34.32 -9.06
C GLN A 77 20.50 -33.92 -7.68
N TYR A 78 19.58 -33.64 -6.75
CA TYR A 78 19.95 -33.14 -5.43
C TYR A 78 20.03 -34.27 -4.43
N HIS A 79 20.80 -34.04 -3.40
CA HIS A 79 20.90 -35.01 -2.33
C HIS A 79 19.72 -34.84 -1.35
N LEU A 80 18.88 -35.87 -1.29
CA LEU A 80 17.69 -35.86 -0.44
C LEU A 80 17.98 -36.68 0.78
N THR A 81 17.58 -36.19 1.95
CA THR A 81 17.74 -36.92 3.18
C THR A 81 16.47 -36.83 4.01
N GLU A 82 16.25 -37.83 4.86
CA GLU A 82 15.16 -37.82 5.84
C GLU A 82 15.65 -37.50 7.24
N ASP A 83 16.95 -37.28 7.39
CA ASP A 83 17.54 -37.02 8.68
C ASP A 83 17.98 -35.56 8.81
N VAL A 84 17.20 -34.78 9.54
CA VAL A 84 17.48 -33.35 9.74
C VAL A 84 18.87 -33.07 10.37
N ASN A 85 19.34 -33.99 11.21
CA ASN A 85 20.67 -33.88 11.83
C ASN A 85 21.81 -33.92 10.85
N GLU A 86 21.62 -34.60 9.74
CA GLU A 86 22.59 -34.59 8.67
C GLU A 86 22.80 -33.18 8.15
N ILE A 87 21.75 -32.38 8.19
CA ILE A 87 21.82 -31.01 7.75
C ILE A 87 22.33 -30.12 8.88
N LEU A 88 21.78 -30.29 10.08
CA LEU A 88 22.14 -29.42 11.20
C LEU A 88 23.61 -29.60 11.63
N ASN A 89 24.16 -30.78 11.40
CA ASN A 89 25.56 -31.03 11.76
C ASN A 89 26.55 -30.73 10.64
N ASP A 90 26.07 -30.27 9.49
CA ASP A 90 26.97 -30.03 8.36
C ASP A 90 27.59 -28.63 8.47
N ASP A 91 28.83 -28.58 8.93
CA ASP A 91 29.50 -27.30 9.19
C ASP A 91 29.81 -26.51 7.93
N SER A 92 29.74 -27.17 6.77
CA SER A 92 29.94 -26.48 5.52
C SER A 92 28.74 -25.66 5.07
N LEU A 93 27.59 -25.86 5.70
CA LEU A 93 26.39 -25.10 5.31
C LEU A 93 26.48 -23.66 5.82
N ASP A 94 26.10 -22.73 4.95
CA ASP A 94 26.09 -21.32 5.27
C ASP A 94 24.68 -20.85 5.62
N ILE A 95 23.68 -21.41 4.94
CA ILE A 95 22.30 -20.96 5.06
C ILE A 95 21.32 -22.15 5.04
N ILE A 96 20.33 -22.08 5.93
CA ILE A 96 19.25 -23.07 5.97
C ILE A 96 17.95 -22.37 5.53
N VAL A 97 17.32 -22.95 4.53
CA VAL A 97 16.05 -22.44 4.00
C VAL A 97 14.94 -23.39 4.40
N GLU A 98 14.05 -22.92 5.27
CA GLU A 98 13.00 -23.77 5.80
C GLU A 98 11.65 -23.45 5.17
N VAL A 99 11.05 -24.46 4.54
CA VAL A 99 9.76 -24.35 3.88
C VAL A 99 8.89 -25.55 4.25
N MET A 100 9.10 -26.07 5.46
CA MET A 100 8.46 -27.29 5.91
C MET A 100 7.11 -26.99 6.55
N GLY A 101 7.01 -25.88 7.28
CA GLY A 101 5.84 -25.61 8.10
C GLY A 101 5.99 -26.28 9.44
N GLY A 102 5.02 -26.03 10.30
CA GLY A 102 4.96 -26.66 11.63
C GLY A 102 5.70 -25.88 12.70
N ILE A 103 5.29 -26.08 13.94
CA ILE A 103 5.95 -25.48 15.09
C ILE A 103 6.90 -26.47 15.73
N GLU A 104 6.41 -27.69 15.98
CA GLU A 104 7.24 -28.73 16.53
C GLU A 104 7.32 -29.87 15.53
N PRO A 105 8.54 -30.34 15.20
CA PRO A 105 9.83 -29.93 15.77
C PRO A 105 10.53 -28.77 15.03
N THR A 106 9.84 -28.15 14.09
CA THR A 106 10.48 -27.21 13.14
C THR A 106 11.21 -26.05 13.81
N VAL A 107 10.57 -25.43 14.80
CA VAL A 107 11.20 -24.28 15.48
C VAL A 107 12.51 -24.68 16.17
N ASP A 108 12.54 -25.84 16.79
CA ASP A 108 13.77 -26.36 17.42
C ASP A 108 14.88 -26.57 16.39
N TRP A 109 14.53 -27.04 15.19
CA TRP A 109 15.48 -27.15 14.11
C TRP A 109 16.11 -25.80 13.82
N LEU A 110 15.28 -24.78 13.77
CA LEU A 110 15.77 -23.44 13.43
C LEU A 110 16.62 -22.86 14.56
N ARG A 111 16.24 -23.14 15.81
CA ARG A 111 17.04 -22.74 16.97
C ARG A 111 18.44 -23.35 16.89
N THR A 112 18.50 -24.64 16.57
CA THR A 112 19.78 -25.32 16.43
C THR A 112 20.63 -24.69 15.32
N ALA A 113 20.01 -24.44 14.16
CA ALA A 113 20.72 -23.85 13.03
C ALA A 113 21.37 -22.52 13.42
N LEU A 114 20.60 -21.68 14.11
CA LEU A 114 21.09 -20.37 14.53
C LEU A 114 22.21 -20.49 15.56
N LYS A 115 22.06 -21.43 16.50
CA LYS A 115 23.11 -21.71 17.48
C LYS A 115 24.38 -22.22 16.81
N ASN A 116 24.21 -22.91 15.67
CA ASN A 116 25.35 -23.36 14.86
C ASN A 116 25.84 -22.31 13.85
N LYS A 117 25.42 -21.07 14.02
CA LYS A 117 25.90 -19.95 13.23
C LYS A 117 25.51 -20.08 11.76
N LYS A 118 24.33 -20.60 11.49
CA LYS A 118 23.80 -20.64 10.14
C LYS A 118 22.69 -19.61 9.97
N HIS A 119 22.76 -18.86 8.88
CA HIS A 119 21.67 -17.96 8.52
C HIS A 119 20.43 -18.79 8.25
N VAL A 120 19.27 -18.26 8.58
CA VAL A 120 18.01 -18.95 8.39
C VAL A 120 17.02 -18.10 7.61
N ILE A 121 16.50 -18.67 6.54
CA ILE A 121 15.42 -18.07 5.79
C ILE A 121 14.23 -19.02 5.90
N THR A 122 13.10 -18.49 6.33
CA THR A 122 11.91 -19.32 6.53
C THR A 122 10.68 -18.73 5.84
N ALA A 123 9.86 -19.61 5.28
CA ALA A 123 8.54 -19.25 4.74
C ALA A 123 7.46 -20.01 5.48
N ASN A 124 7.77 -20.40 6.72
CA ASN A 124 6.90 -21.21 7.55
C ASN A 124 5.64 -20.43 7.96
N LYS A 125 4.49 -20.85 7.43
CA LYS A 125 3.21 -20.12 7.61
C LYS A 125 2.59 -20.34 8.98
N ASP A 126 3.12 -21.27 9.75
CA ASP A 126 2.59 -21.56 11.06
C ASP A 126 3.26 -20.77 12.18
N LEU A 127 4.36 -20.08 11.87
CA LEU A 127 5.07 -19.26 12.87
C LEU A 127 4.19 -18.10 13.35
N LEU A 128 4.20 -17.88 14.65
CA LEU A 128 3.46 -16.79 15.27
C LEU A 128 4.48 -15.86 15.92
N ALA A 129 4.00 -14.83 16.60
CA ALA A 129 4.86 -13.79 17.11
C ALA A 129 5.85 -14.33 18.14
N VAL A 130 5.39 -15.20 19.03
CA VAL A 130 6.23 -15.82 20.05
C VAL A 130 7.46 -16.45 19.38
N HIS A 131 7.21 -17.15 18.28
CA HIS A 131 8.25 -17.85 17.56
C HIS A 131 9.22 -16.90 16.87
N LEU A 132 8.69 -15.91 16.17
CA LEU A 132 9.53 -14.96 15.44
C LEU A 132 10.42 -14.17 16.38
N LYS A 133 9.89 -13.85 17.56
CA LYS A 133 10.61 -13.09 18.55
C LYS A 133 11.83 -13.88 19.03
N LEU A 134 11.60 -15.10 19.49
CA LEU A 134 12.66 -15.94 20.02
C LEU A 134 13.70 -16.26 18.95
N LEU A 135 13.27 -16.45 17.70
CA LEU A 135 14.23 -16.71 16.62
C LEU A 135 15.03 -15.46 16.24
N GLU A 136 14.38 -14.31 16.17
CA GLU A 136 15.08 -13.05 15.90
C GLU A 136 16.18 -12.75 16.94
N ASP A 137 15.88 -12.99 18.23
CA ASP A 137 16.83 -12.73 19.32
C ASP A 137 18.00 -13.70 19.24
N LEU A 138 17.68 -14.96 18.97
CA LEU A 138 18.68 -16.02 18.89
C LEU A 138 19.61 -15.76 17.70
N ALA A 139 19.05 -15.26 16.60
CA ALA A 139 19.85 -14.88 15.44
C ALA A 139 20.83 -13.74 15.75
N GLU A 140 20.30 -12.64 16.29
CA GLU A 140 21.14 -11.49 16.68
C GLU A 140 22.25 -11.93 17.62
N GLU A 141 21.86 -12.73 18.61
CA GLU A 141 22.76 -13.30 19.60
C GLU A 141 23.90 -14.12 18.99
N ASN A 142 23.63 -14.79 17.88
CA ASN A 142 24.64 -15.62 17.23
C ASN A 142 25.28 -14.97 15.98
N GLY A 143 24.99 -13.71 15.74
CA GLY A 143 25.61 -12.97 14.65
C GLY A 143 25.22 -13.43 13.26
N VAL A 144 23.98 -13.91 13.12
CA VAL A 144 23.47 -14.37 11.83
C VAL A 144 22.08 -13.79 11.57
N ALA A 145 21.61 -13.92 10.34
CA ALA A 145 20.37 -13.35 9.89
C ALA A 145 19.23 -14.34 10.03
N LEU A 146 18.07 -13.82 10.39
CA LEU A 146 16.82 -14.56 10.31
C LEU A 146 15.93 -13.75 9.40
N LYS A 147 15.50 -14.36 8.28
CA LYS A 147 14.63 -13.70 7.32
C LYS A 147 13.32 -14.46 7.21
N PHE A 148 12.21 -13.78 7.45
CA PHE A 148 10.90 -14.42 7.40
C PHE A 148 9.89 -13.74 6.48
N GLU A 149 10.37 -12.87 5.59
CA GLU A 149 9.53 -12.19 4.59
C GLU A 149 8.55 -13.14 3.90
N ALA A 150 9.03 -14.30 3.46
CA ALA A 150 8.18 -15.26 2.76
C ALA A 150 7.09 -15.83 3.67
N SER A 151 7.34 -15.83 4.97
CA SER A 151 6.37 -16.30 5.95
C SER A 151 5.09 -15.43 6.03
N VAL A 152 5.16 -14.20 5.52
CA VAL A 152 3.99 -13.28 5.45
C VAL A 152 3.64 -12.89 4.01
N ALA A 153 2.35 -12.64 3.73
CA ALA A 153 1.92 -12.11 2.41
C ALA A 153 1.75 -10.58 2.42
N GLY A 154 2.37 -9.92 1.44
CA GLY A 154 2.41 -8.46 1.37
C GLY A 154 1.04 -7.82 1.18
N GLY A 155 0.89 -6.59 1.67
CA GLY A 155 -0.37 -5.87 1.57
C GLY A 155 -1.42 -6.44 2.49
N PRO A 157 4.92 -4.96 4.71
CA PRO A 157 3.98 -3.89 4.47
C PRO A 157 3.91 -3.52 2.98
N ASN A 169 6.03 5.90 11.68
CA ASN A 169 6.46 4.74 12.44
C ASN A 169 5.53 4.39 13.61
N ASN A 170 4.91 5.40 14.23
CA ASN A 170 4.07 5.19 15.39
C ASN A 170 2.65 4.82 14.95
N ILE A 171 2.46 3.53 14.73
CA ILE A 171 1.15 2.97 14.41
C ILE A 171 0.38 2.77 15.70
N SER A 172 -0.83 3.30 15.79
CA SER A 172 -1.70 3.08 16.94
C SER A 172 -2.82 2.06 16.69
N LYS A 173 -3.16 1.84 15.43
CA LYS A 173 -4.27 0.95 15.09
C LYS A 173 -4.10 0.44 13.67
N PHE A 174 -4.46 -0.82 13.45
CA PHE A 174 -4.64 -1.32 12.09
C PHE A 174 -5.93 -2.08 11.99
N MET A 175 -6.52 -2.05 10.80
CA MET A 175 -7.69 -2.86 10.47
C MET A 175 -7.42 -3.50 9.12
N GLY A 176 -7.72 -4.77 9.00
CA GLY A 176 -7.44 -5.46 7.78
C GLY A 176 -8.45 -6.46 7.35
N ILE A 177 -8.52 -6.63 6.03
CA ILE A 177 -9.21 -7.76 5.41
C ILE A 177 -8.09 -8.73 5.10
N LEU A 178 -8.03 -9.84 5.86
CA LEU A 178 -6.84 -10.65 5.96
C LEU A 178 -7.03 -12.09 5.52
N ASN A 179 -8.20 -12.40 5.00
CA ASN A 179 -8.45 -13.75 4.53
C ASN A 179 -9.25 -13.62 3.25
N GLY A 180 -8.67 -14.04 2.14
CA GLY A 180 -9.29 -13.93 0.81
C GLY A 180 -10.59 -14.69 0.69
N THR A 181 -10.63 -15.89 1.25
CA THR A 181 -11.81 -16.77 1.09
C THR A 181 -13.04 -16.20 1.78
N SER A 182 -12.89 -15.71 3.01
CA SER A 182 -14.01 -15.11 3.71
C SER A 182 -14.50 -13.84 3.05
N ASN A 183 -13.57 -13.02 2.59
CA ASN A 183 -13.96 -11.82 1.90
C ASN A 183 -14.68 -12.14 0.61
N PHE A 184 -14.19 -13.15 -0.11
CA PHE A 184 -14.87 -13.60 -1.34
C PHE A 184 -16.31 -13.99 -1.05
N ILE A 185 -16.51 -14.75 0.02
CA ILE A 185 -17.84 -15.22 0.38
C ILE A 185 -18.75 -14.05 0.70
N LEU A 186 -18.27 -13.10 1.51
CA LEU A 186 -19.09 -11.93 1.85
C LEU A 186 -19.44 -11.08 0.61
N SER A 187 -18.49 -10.93 -0.30
CA SER A 187 -18.74 -10.21 -1.56
C SER A 187 -19.82 -10.91 -2.39
N LYS A 188 -19.74 -12.23 -2.47
CA LYS A 188 -20.72 -13.01 -3.21
C LYS A 188 -22.13 -12.86 -2.61
N MET A 189 -22.23 -12.99 -1.29
CA MET A 189 -23.51 -12.83 -0.60
C MET A 189 -24.07 -11.48 -0.92
N THR A 190 -23.20 -10.47 -0.84
CA THR A 190 -23.62 -9.10 -1.02
C THR A 190 -24.05 -8.80 -2.47
N LYS A 191 -23.19 -9.12 -3.43
CA LYS A 191 -23.45 -8.75 -4.83
C LYS A 191 -24.52 -9.61 -5.48
N GLU A 192 -24.52 -10.90 -5.16
CA GLU A 192 -25.44 -11.83 -5.81
C GLU A 192 -26.65 -12.24 -4.94
N GLN A 193 -26.72 -11.72 -3.73
CA GLN A 193 -27.86 -11.94 -2.84
C GLN A 193 -28.10 -13.42 -2.57
N THR A 194 -27.04 -14.09 -2.15
CA THR A 194 -27.12 -15.50 -1.80
C THR A 194 -26.97 -15.66 -0.30
N THR A 195 -27.34 -16.82 0.20
CA THR A 195 -27.08 -17.17 1.60
C THR A 195 -25.63 -17.49 1.78
N PHE A 196 -25.19 -17.50 3.04
CA PHE A 196 -23.83 -17.91 3.37
C PHE A 196 -23.51 -19.30 2.80
N GLU A 197 -24.43 -20.24 3.00
CA GLU A 197 -24.25 -21.62 2.55
C GLU A 197 -24.04 -21.72 1.02
N GLU A 198 -24.84 -20.99 0.27
CA GLU A 198 -24.74 -20.94 -1.17
C GLU A 198 -23.42 -20.30 -1.60
N ALA A 199 -23.03 -19.24 -0.90
CA ALA A 199 -21.80 -18.51 -1.25
C ALA A 199 -20.57 -19.35 -0.95
N LEU A 200 -20.59 -20.08 0.17
CA LEU A 200 -19.48 -20.98 0.49
C LEU A 200 -19.36 -22.11 -0.53
N ASP A 201 -20.48 -22.71 -0.90
CA ASP A 201 -20.42 -23.77 -1.92
C ASP A 201 -19.84 -23.22 -3.23
N GLU A 202 -20.26 -22.01 -3.60
CA GLU A 202 -19.75 -21.40 -4.81
C GLU A 202 -18.23 -21.19 -4.68
N ALA A 203 -17.78 -20.71 -3.53
CA ALA A 203 -16.34 -20.52 -3.31
C ALA A 203 -15.57 -21.84 -3.43
N LYS A 204 -16.15 -22.91 -2.89
CA LYS A 204 -15.57 -24.25 -3.08
C LYS A 204 -15.45 -24.60 -4.56
N ARG A 205 -16.54 -24.45 -5.31
CA ARG A 205 -16.52 -24.81 -6.74
C ARG A 205 -15.53 -23.96 -7.55
N LEU A 206 -15.34 -22.71 -7.14
CA LEU A 206 -14.51 -21.78 -7.89
C LEU A 206 -13.05 -21.85 -7.53
N GLY A 207 -12.69 -22.69 -6.55
CA GLY A 207 -11.30 -22.83 -6.13
C GLY A 207 -10.84 -22.02 -4.92
N PHE A 208 -11.66 -21.11 -4.41
CA PHE A 208 -11.26 -20.25 -3.27
C PHE A 208 -11.27 -20.93 -1.91
N ALA A 209 -12.35 -21.64 -1.61
CA ALA A 209 -12.44 -22.34 -0.36
C ALA A 209 -12.03 -23.77 -0.58
N GLU A 210 -11.45 -24.38 0.45
CA GLU A 210 -11.12 -25.79 0.46
C GLU A 210 -12.28 -26.58 1.08
N ALA A 211 -12.19 -27.91 1.00
CA ALA A 211 -13.30 -28.80 1.38
C ALA A 211 -13.69 -28.67 2.84
N ASP A 212 -12.69 -28.54 3.70
CA ASP A 212 -12.90 -28.07 5.06
C ASP A 212 -12.41 -26.62 5.05
N PRO A 213 -13.35 -25.66 5.01
CA PRO A 213 -12.96 -24.28 4.91
C PRO A 213 -12.82 -23.61 6.31
N THR A 214 -12.90 -24.38 7.40
CA THR A 214 -12.90 -23.87 8.80
C THR A 214 -11.87 -22.80 9.10
N ASP A 215 -10.63 -23.04 8.67
CA ASP A 215 -9.55 -22.11 8.94
C ASP A 215 -9.85 -20.71 8.37
N ASP A 216 -10.54 -20.67 7.25
CA ASP A 216 -10.94 -19.42 6.59
C ASP A 216 -12.18 -18.83 7.24
N VAL A 217 -13.24 -19.63 7.21
CA VAL A 217 -14.59 -19.23 7.61
C VAL A 217 -14.73 -18.92 9.09
N GLU A 218 -13.96 -19.58 9.94
CA GLU A 218 -14.02 -19.31 11.39
C GLU A 218 -13.03 -18.23 11.83
N GLY A 219 -12.31 -17.65 10.87
CA GLY A 219 -11.44 -16.52 11.15
C GLY A 219 -10.10 -16.87 11.78
N VAL A 220 -9.72 -18.14 11.77
CA VAL A 220 -8.46 -18.57 12.41
C VAL A 220 -7.26 -18.02 11.64
N ASP A 221 -7.28 -18.20 10.32
CA ASP A 221 -6.22 -17.65 9.45
C ASP A 221 -6.04 -16.17 9.66
N ALA A 222 -7.16 -15.44 9.68
CA ALA A 222 -7.13 -14.01 9.91
C ALA A 222 -6.56 -13.67 11.30
N ALA A 223 -6.91 -14.46 12.32
CA ALA A 223 -6.37 -14.22 13.66
C ALA A 223 -4.86 -14.42 13.73
N ARG A 224 -4.35 -15.43 13.04
CA ARG A 224 -2.90 -15.60 12.94
C ARG A 224 -2.24 -14.38 12.31
N LYS A 225 -2.83 -13.84 11.25
CA LYS A 225 -2.27 -12.66 10.61
C LYS A 225 -2.35 -11.41 11.48
N VAL A 226 -3.38 -11.34 12.33
CA VAL A 226 -3.46 -10.27 13.31
C VAL A 226 -2.35 -10.36 14.35
N VAL A 227 -2.04 -11.57 14.82
CA VAL A 227 -0.87 -11.76 15.70
C VAL A 227 0.40 -11.25 15.02
N ILE A 228 0.61 -11.66 13.79
CA ILE A 228 1.79 -11.27 13.04
C ILE A 228 1.81 -9.77 12.79
N THR A 229 0.71 -9.23 12.29
CA THR A 229 0.62 -7.82 12.01
C THR A 229 0.86 -6.96 13.27
N SER A 230 0.38 -7.43 14.42
CA SER A 230 0.59 -6.74 15.70
C SER A 230 2.07 -6.74 16.08
N TYR A 231 2.73 -7.86 15.84
CA TYR A 231 4.17 -7.96 16.10
C TYR A 231 4.99 -7.00 15.22
N LEU A 232 4.67 -6.96 13.93
CA LEU A 232 5.34 -6.07 13.01
C LEU A 232 4.98 -4.59 13.23
N SER A 233 3.73 -4.29 13.58
CA SER A 233 3.29 -2.91 13.79
C SER A 233 3.67 -2.31 15.14
N PHE A 234 3.52 -3.09 16.20
CA PHE A 234 3.65 -2.58 17.55
C PHE A 234 4.86 -3.11 18.29
N ASN A 235 5.60 -4.04 17.69
CA ASN A 235 6.71 -4.71 18.35
CA ASN A 235 6.72 -4.72 18.36
C ASN A 235 6.29 -5.36 19.67
N GLN A 236 5.06 -5.88 19.70
CA GLN A 236 4.54 -6.57 20.86
C GLN A 236 4.16 -7.97 20.45
N VAL A 237 4.41 -8.92 21.34
CA VAL A 237 4.05 -10.29 21.12
C VAL A 237 2.73 -10.56 21.79
N ILE A 238 1.73 -10.98 21.03
CA ILE A 238 0.50 -11.50 21.61
C ILE A 238 0.34 -12.95 21.22
N LYS A 239 -0.46 -13.70 21.98
CA LYS A 239 -0.74 -15.09 21.65
C LYS A 239 -1.97 -15.20 20.76
N LEU A 240 -2.04 -16.26 19.97
CA LEU A 240 -3.21 -16.49 19.14
C LEU A 240 -4.49 -16.46 19.97
N ASN A 241 -4.46 -17.03 21.17
CA ASN A 241 -5.68 -17.10 21.96
C ASN A 241 -6.04 -15.77 22.64
N ASP A 242 -5.16 -14.77 22.59
CA ASP A 242 -5.50 -13.42 22.99
C ASP A 242 -6.37 -12.71 21.92
N VAL A 243 -6.44 -13.23 20.70
CA VAL A 243 -7.23 -12.59 19.65
C VAL A 243 -8.69 -13.01 19.80
N LYS A 244 -9.55 -12.09 20.19
CA LYS A 244 -10.98 -12.38 20.26
C LYS A 244 -11.47 -12.63 18.85
N ARG A 245 -12.04 -13.80 18.61
CA ARG A 245 -12.32 -14.24 17.24
C ARG A 245 -13.74 -14.73 17.03
N ARG A 246 -14.35 -14.27 15.95
CA ARG A 246 -15.61 -14.80 15.45
C ARG A 246 -15.53 -14.83 13.93
N GLY A 247 -16.01 -15.90 13.32
CA GLY A 247 -15.96 -16.07 11.88
C GLY A 247 -17.17 -15.48 11.20
N ILE A 248 -17.38 -15.87 9.94
CA ILE A 248 -18.47 -15.34 9.13
C ILE A 248 -19.64 -16.28 8.95
N SER A 249 -19.60 -17.47 9.55
CA SER A 249 -20.63 -18.48 9.25
C SER A 249 -22.02 -18.08 9.77
N GLY A 250 -22.05 -17.16 10.73
CA GLY A 250 -23.31 -16.61 11.24
C GLY A 250 -23.81 -15.33 10.57
N VAL A 251 -23.04 -14.78 9.62
CA VAL A 251 -23.50 -13.60 8.87
C VAL A 251 -24.58 -14.02 7.88
N THR A 252 -25.71 -13.31 7.85
CA THR A 252 -26.79 -13.65 6.97
C THR A 252 -27.01 -12.56 5.94
N LEU A 253 -27.76 -12.88 4.91
CA LEU A 253 -28.13 -11.92 3.89
C LEU A 253 -28.93 -10.78 4.49
N THR A 254 -29.74 -11.08 5.50
CA THR A 254 -30.45 -10.04 6.21
C THR A 254 -29.47 -9.05 6.87
N ASP A 255 -28.40 -9.55 7.48
CA ASP A 255 -27.40 -8.66 8.10
C ASP A 255 -26.83 -7.75 7.05
N ILE A 256 -26.46 -8.33 5.92
CA ILE A 256 -25.90 -7.61 4.82
C ILE A 256 -26.84 -6.53 4.26
N ASN A 257 -28.10 -6.88 4.06
CA ASN A 257 -29.07 -5.94 3.49
C ASN A 257 -29.51 -4.83 4.46
N VAL A 258 -29.61 -5.17 5.74
CA VAL A 258 -29.88 -4.16 6.75
C VAL A 258 -28.66 -3.22 6.89
N ALA A 259 -27.46 -3.78 6.94
CA ALA A 259 -26.26 -2.96 6.94
C ALA A 259 -26.25 -2.03 5.75
N ASP A 260 -26.59 -2.60 4.60
CA ASP A 260 -26.60 -1.85 3.36
C ASP A 260 -27.50 -0.63 3.44
N GLN A 261 -28.74 -0.83 3.90
CA GLN A 261 -29.70 0.27 4.02
C GLN A 261 -29.22 1.35 5.01
N LEU A 262 -28.50 0.94 6.04
CA LEU A 262 -27.88 1.90 6.99
C LEU A 262 -26.61 2.61 6.49
N GLY A 263 -26.08 2.19 5.36
CA GLY A 263 -24.89 2.81 4.77
C GLY A 263 -23.57 2.06 4.96
N TYR A 264 -23.64 0.75 5.23
CA TYR A 264 -22.47 -0.05 5.57
C TYR A 264 -22.39 -1.34 4.77
N LYS A 265 -21.16 -1.82 4.57
CA LYS A 265 -20.88 -3.15 4.11
C LYS A 265 -20.48 -3.99 5.31
N ILE A 266 -20.49 -5.31 5.16
CA ILE A 266 -19.97 -6.18 6.21
C ILE A 266 -18.68 -6.84 5.71
N LYS A 267 -17.62 -6.77 6.50
CA LYS A 267 -16.34 -7.42 6.18
C LYS A 267 -15.91 -8.19 7.41
N LEU A 268 -15.10 -9.22 7.21
CA LEU A 268 -14.39 -9.84 8.31
C LEU A 268 -13.12 -9.03 8.51
N ILE A 269 -13.06 -8.34 9.64
CA ILE A 269 -11.96 -7.41 9.95
C ILE A 269 -11.08 -7.95 11.07
N GLY A 270 -9.77 -7.98 10.83
CA GLY A 270 -8.79 -8.26 11.84
C GLY A 270 -8.22 -6.93 12.26
N LYS A 271 -8.23 -6.69 13.57
CA LYS A 271 -7.98 -5.36 14.11
C LYS A 271 -6.99 -5.49 15.25
N GLY A 272 -6.05 -4.56 15.30
CA GLY A 272 -5.19 -4.41 16.47
C GLY A 272 -5.13 -2.96 16.88
N ILE A 273 -5.46 -2.71 18.15
CA ILE A 273 -5.42 -1.37 18.75
C ILE A 273 -4.39 -1.37 19.89
N TYR A 274 -3.42 -0.47 19.82
CA TYR A 274 -2.34 -0.40 20.79
C TYR A 274 -2.57 0.84 21.64
N GLU A 275 -3.06 0.62 22.85
CA GLU A 275 -3.41 1.70 23.79
C GLU A 275 -2.78 1.41 25.16
N ASN A 276 -2.07 2.40 25.70
CA ASN A 276 -1.51 2.34 27.07
C ASN A 276 -0.65 1.11 27.36
N GLY A 277 0.33 0.87 26.48
CA GLY A 277 1.20 -0.30 26.61
C GLY A 277 0.61 -1.65 26.22
N LYS A 278 -0.68 -1.72 25.88
CA LYS A 278 -1.35 -3.01 25.60
C LYS A 278 -2.04 -3.08 24.23
N VAL A 279 -2.00 -4.26 23.61
CA VAL A 279 -2.66 -4.50 22.33
C VAL A 279 -4.01 -5.19 22.56
N ASN A 280 -5.08 -4.61 22.05
CA ASN A 280 -6.36 -5.30 21.96
C ASN A 280 -6.55 -5.80 20.53
N ALA A 281 -6.63 -7.10 20.36
CA ALA A 281 -6.65 -7.72 19.03
C ALA A 281 -7.90 -8.53 18.83
N SER A 282 -8.48 -8.47 17.62
CA SER A 282 -9.70 -9.18 17.30
C SER A 282 -9.86 -9.48 15.82
N VAL A 283 -10.71 -10.45 15.55
CA VAL A 283 -11.16 -10.78 14.22
C VAL A 283 -12.64 -11.00 14.35
N GLU A 284 -13.44 -10.25 13.60
CA GLU A 284 -14.88 -10.51 13.59
C GLU A 284 -15.62 -9.76 12.49
N PRO A 285 -16.83 -10.23 12.17
CA PRO A 285 -17.70 -9.49 11.24
C PRO A 285 -17.98 -8.09 11.76
N THR A 286 -17.78 -7.11 10.88
CA THR A 286 -17.72 -5.70 11.23
C THR A 286 -18.43 -4.91 10.15
N LEU A 287 -19.29 -3.98 10.53
CA LEU A 287 -19.90 -3.09 9.55
C LEU A 287 -18.88 -2.00 9.27
N ILE A 288 -18.68 -1.70 7.99
CA ILE A 288 -17.74 -0.71 7.54
C ILE A 288 -18.50 0.30 6.71
N ASP A 289 -18.36 1.56 7.05
CA ASP A 289 -18.99 2.63 6.30
C ASP A 289 -18.60 2.51 4.84
N LYS A 290 -19.59 2.61 3.96
CA LYS A 290 -19.39 2.46 2.51
C LYS A 290 -18.38 3.41 1.91
N LYS A 291 -18.14 4.56 2.54
CA LYS A 291 -17.16 5.51 2.03
C LYS A 291 -15.72 5.20 2.47
N HIS A 292 -15.54 4.31 3.44
CA HIS A 292 -14.20 3.96 3.93
C HIS A 292 -13.47 3.16 2.84
N GLN A 293 -12.18 3.40 2.71
CA GLN A 293 -11.35 2.68 1.73
C GLN A 293 -11.50 1.17 1.84
N LEU A 294 -11.64 0.62 3.05
CA LEU A 294 -11.82 -0.82 3.22
C LEU A 294 -13.10 -1.35 2.68
N ALA A 295 -14.15 -0.52 2.63
CA ALA A 295 -15.43 -0.99 2.19
C ALA A 295 -15.36 -1.48 0.74
N ALA A 296 -14.43 -0.95 -0.05
CA ALA A 296 -14.38 -1.23 -1.49
C ALA A 296 -13.54 -2.47 -1.83
N VAL A 297 -12.91 -3.08 -0.84
CA VAL A 297 -12.04 -4.22 -1.03
C VAL A 297 -12.88 -5.51 -1.14
N GLU A 298 -12.96 -6.04 -2.36
CA GLU A 298 -13.91 -7.09 -2.73
C GLU A 298 -13.23 -8.38 -3.12
N ASP A 299 -14.02 -9.44 -3.12
CA ASP A 299 -13.61 -10.76 -3.59
C ASP A 299 -12.42 -11.27 -2.79
N GLU A 300 -11.44 -11.86 -3.43
CA GLU A 300 -10.31 -12.44 -2.73
C GLU A 300 -9.20 -11.44 -2.39
N TYR A 301 -9.40 -10.16 -2.68
CA TYR A 301 -8.39 -9.16 -2.35
C TYR A 301 -8.32 -8.94 -0.85
N ASN A 302 -7.12 -8.58 -0.39
CA ASN A 302 -6.87 -8.23 0.99
C ASN A 302 -6.39 -6.79 1.07
N ALA A 303 -6.36 -6.25 2.28
CA ALA A 303 -5.92 -4.90 2.52
C ALA A 303 -5.61 -4.71 3.98
N ILE A 304 -4.60 -3.89 4.25
CA ILE A 304 -4.30 -3.43 5.62
C ILE A 304 -4.36 -1.93 5.65
N TYR A 305 -5.19 -1.43 6.55
CA TYR A 305 -5.41 -0.03 6.75
C TYR A 305 -4.75 0.35 8.07
N VAL A 306 -3.87 1.35 8.03
CA VAL A 306 -3.00 1.66 9.16
C VAL A 306 -3.22 3.10 9.58
N ILE A 307 -3.41 3.29 10.88
CA ILE A 307 -3.68 4.59 11.48
C ILE A 307 -2.56 4.92 12.45
N GLY A 308 -2.11 6.17 12.44
CA GLY A 308 -1.02 6.60 13.30
C GLY A 308 -1.06 8.06 13.70
N ASP A 309 -0.26 8.39 14.71
CA ASP A 309 -0.01 9.79 15.10
C ASP A 309 1.29 10.20 14.44
N ALA A 310 1.35 11.35 13.78
CA ALA A 310 0.22 12.26 13.52
C ALA A 310 -0.15 12.24 12.04
N VAL A 311 0.46 11.32 11.30
CA VAL A 311 0.36 11.26 9.85
C VAL A 311 -1.06 10.87 9.39
N GLY A 312 -1.32 10.92 8.09
CA GLY A 312 -2.61 10.45 7.56
C GLY A 312 -2.73 8.93 7.65
N ASP A 313 -3.92 8.42 7.39
CA ASP A 313 -4.09 6.97 7.26
C ASP A 313 -3.37 6.46 6.02
N THR A 314 -3.00 5.19 6.04
CA THR A 314 -2.45 4.57 4.85
C THR A 314 -3.15 3.23 4.64
N MET A 315 -3.09 2.72 3.42
CA MET A 315 -3.62 1.38 3.12
C MET A 315 -2.83 0.71 2.03
N PHE A 316 -2.67 -0.58 2.17
CA PHE A 316 -2.01 -1.44 1.20
C PHE A 316 -3.04 -2.46 0.76
N TYR A 317 -3.15 -2.66 -0.56
CA TYR A 317 -4.18 -3.51 -1.14
C TYR A 317 -3.55 -4.47 -2.11
N GLY A 318 -3.95 -5.74 -2.05
CA GLY A 318 -3.48 -6.75 -3.00
C GLY A 318 -3.97 -8.13 -2.62
N LYS A 319 -3.72 -9.12 -3.49
CA LYS A 319 -4.11 -10.50 -3.19
C LYS A 319 -3.04 -11.20 -2.41
N GLY A 320 -3.38 -12.35 -1.84
CA GLY A 320 -2.41 -13.18 -1.13
C GLY A 320 -1.51 -13.92 -2.10
N ALA A 321 -0.35 -14.35 -1.60
CA ALA A 321 0.53 -15.29 -2.33
C ALA A 321 -0.08 -16.71 -2.32
N GLY A 322 0.22 -17.57 -3.29
CA GLY A 322 1.25 -17.38 -4.32
C GLY A 322 2.48 -18.25 -4.05
N SER A 323 2.41 -19.54 -4.37
CA SER A 323 3.56 -20.44 -4.23
C SER A 323 4.82 -19.89 -4.90
N LEU A 324 4.68 -19.43 -6.14
CA LEU A 324 5.80 -18.85 -6.87
C LEU A 324 6.22 -17.53 -6.24
N ALA A 325 5.26 -16.78 -5.74
CA ALA A 325 5.54 -15.53 -5.05
C ALA A 325 6.25 -15.77 -3.72
N THR A 326 5.78 -16.76 -2.97
CA THR A 326 6.44 -17.16 -1.73
C THR A 326 7.86 -17.64 -2.03
N GLY A 327 7.99 -18.50 -3.04
CA GLY A 327 9.30 -18.99 -3.47
C GLY A 327 10.21 -17.86 -3.90
N SER A 328 9.64 -16.93 -4.65
CA SER A 328 10.40 -15.78 -5.14
C SER A 328 10.87 -14.90 -3.97
N ALA A 329 10.03 -14.77 -2.95
CA ALA A 329 10.40 -13.99 -1.76
C ALA A 329 11.53 -14.67 -0.98
N VAL A 330 11.48 -16.00 -0.88
CA VAL A 330 12.55 -16.76 -0.24
C VAL A 330 13.88 -16.50 -0.94
N VAL A 331 13.89 -16.58 -2.27
CA VAL A 331 15.14 -16.44 -3.02
C VAL A 331 15.66 -15.02 -2.92
N SER A 332 14.75 -14.07 -2.87
CA SER A 332 15.12 -12.68 -2.66
C SER A 332 15.84 -12.51 -1.32
N ASP A 333 15.23 -13.03 -0.25
CA ASP A 333 15.89 -13.01 1.08
C ASP A 333 17.25 -13.72 1.03
N LEU A 334 17.34 -14.79 0.25
CA LEU A 334 18.56 -15.54 0.08
C LEU A 334 19.68 -14.69 -0.53
N LEU A 335 19.38 -13.99 -1.62
CA LEU A 335 20.38 -13.11 -2.25
C LEU A 335 20.79 -11.98 -1.32
N ASN A 336 19.84 -11.44 -0.57
CA ASN A 336 20.17 -10.41 0.40
C ASN A 336 21.20 -10.89 1.41
N VAL A 337 20.95 -12.06 1.98
CA VAL A 337 21.87 -12.65 2.94
C VAL A 337 23.21 -12.94 2.25
N ALA A 338 23.17 -13.34 0.98
CA ALA A 338 24.40 -13.57 0.22
C ALA A 338 25.20 -12.27 0.03
N LEU A 339 24.51 -11.19 -0.34
CA LEU A 339 25.18 -9.91 -0.61
C LEU A 339 25.81 -9.30 0.65
N PHE A 340 25.15 -9.44 1.79
CA PHE A 340 25.67 -8.93 3.07
C PHE A 340 26.34 -10.05 3.89
N PHE A 341 26.69 -11.15 3.22
CA PHE A 341 27.33 -12.32 3.83
C PHE A 341 28.67 -12.02 4.53
N GLU A 342 29.63 -11.47 3.77
CA GLU A 342 30.99 -11.17 4.29
C GLU A 342 31.03 -10.02 5.31
N SER A 343 29.98 -9.20 5.35
CA SER A 343 29.82 -8.16 6.36
C SER A 343 29.39 -8.75 7.71
N THR A 347 21.14 -4.50 10.75
CA THR A 347 20.17 -3.76 11.54
C THR A 347 19.66 -4.66 12.67
N LEU A 348 20.02 -4.31 13.90
CA LEU A 348 19.62 -5.10 15.07
C LEU A 348 18.11 -5.03 15.26
N PRO A 349 17.48 -6.18 15.55
CA PRO A 349 16.02 -6.27 15.72
C PRO A 349 15.49 -5.36 16.84
N PRO A 350 16.31 -5.05 17.85
CA PRO A 350 16.00 -4.18 18.99
C PRO A 350 15.92 -2.68 18.65
N HIS A 351 16.48 -2.28 17.51
CA HIS A 351 16.54 -0.86 17.11
C HIS A 351 15.22 -0.31 16.57
N PHE A 352 14.77 0.79 17.16
CA PHE A 352 13.62 1.55 16.68
C PHE A 352 13.97 3.04 16.72
N GLU A 353 13.69 3.76 15.64
CA GLU A 353 14.03 5.18 15.54
C GLU A 353 13.06 6.02 16.36
N LEU A 354 13.56 6.69 17.40
CA LEU A 354 12.73 7.56 18.24
C LEU A 354 12.35 8.83 17.48
N LYS A 355 11.07 9.20 17.53
CA LYS A 355 10.57 10.36 16.82
C LYS A 355 9.71 11.25 17.72
N THR A 356 10.11 11.39 18.99
CA THR A 356 9.48 12.36 19.89
C THR A 356 10.05 13.79 19.76
N ASP A 357 10.62 14.12 18.60
CA ASP A 357 10.69 15.53 18.13
C ASP A 357 9.43 15.90 17.34
N LYS A 358 8.41 15.03 17.40
CA LYS A 358 7.04 15.44 17.13
C LYS A 358 6.63 16.58 18.06
N THR A 359 7.36 16.74 19.16
CA THR A 359 7.24 17.92 20.01
C THR A 359 7.46 19.17 19.19
N ARG A 360 8.67 19.33 18.67
CA ARG A 360 9.04 20.51 17.87
C ARG A 360 8.05 20.78 16.73
N GLU A 361 7.57 19.72 16.10
CA GLU A 361 6.79 19.85 14.88
C GLU A 361 5.34 20.31 15.17
N MET A 362 4.72 19.75 16.20
CA MET A 362 3.36 20.17 16.64
C MET A 362 3.45 21.08 17.84
N GLU A 373 -10.50 6.85 21.98
CA GLU A 373 -11.56 6.80 20.97
C GLU A 373 -12.73 5.90 21.40
N LYS A 374 -13.94 6.34 21.11
CA LYS A 374 -15.15 5.58 21.42
C LYS A 374 -15.31 4.40 20.46
N SER A 375 -16.33 3.58 20.73
CA SER A 375 -16.64 2.43 19.92
C SER A 375 -18.07 2.52 19.41
N ASN A 376 -18.32 1.84 18.31
CA ASN A 376 -19.59 1.86 17.65
C ASN A 376 -20.07 0.43 17.44
N PHE A 377 -21.39 0.26 17.49
CA PHE A 377 -21.94 -1.11 17.50
C PHE A 377 -23.19 -1.23 16.66
N PHE A 378 -23.37 -2.42 16.10
CA PHE A 378 -24.55 -2.82 15.38
C PHE A 378 -25.21 -3.91 16.20
N VAL A 379 -26.42 -3.65 16.67
CA VAL A 379 -27.07 -4.53 17.62
C VAL A 379 -28.38 -5.03 17.00
N VAL A 380 -28.57 -6.35 16.97
CA VAL A 380 -29.80 -6.97 16.46
C VAL A 380 -30.58 -7.57 17.62
N VAL A 381 -31.83 -7.16 17.74
CA VAL A 381 -32.72 -7.63 18.79
C VAL A 381 -33.92 -8.34 18.15
N ASN A 382 -34.32 -9.48 18.72
CA ASN A 382 -35.47 -10.24 18.25
C ASN A 382 -36.61 -10.28 19.28
N HIS A 383 -37.77 -10.78 18.85
CA HIS A 383 -38.97 -10.93 19.70
C HIS A 383 -39.38 -9.62 20.31
N VAL A 384 -39.22 -8.52 19.55
CA VAL A 384 -39.55 -7.22 20.06
C VAL A 384 -41.01 -6.93 19.72
N LYS A 385 -41.80 -6.66 20.76
CA LYS A 385 -43.18 -6.22 20.57
C LYS A 385 -43.15 -4.70 20.49
N GLY A 386 -44.05 -4.15 19.70
CA GLY A 386 -44.17 -2.71 19.59
C GLY A 386 -43.42 -2.22 18.38
N SER A 387 -43.59 -0.95 18.12
CA SER A 387 -43.13 -0.33 16.91
C SER A 387 -41.63 -0.01 16.96
N ILE A 388 -41.11 0.34 15.80
CA ILE A 388 -39.72 0.72 15.69
C ILE A 388 -39.48 2.05 16.40
N GLU A 389 -40.48 2.91 16.40
CA GLU A 389 -40.37 4.19 17.07
C GLU A 389 -40.23 3.98 18.56
N ASN A 390 -41.01 3.06 19.09
CA ASN A 390 -40.93 2.71 20.50
C ASN A 390 -39.59 2.08 20.91
N PHE A 391 -39.08 1.19 20.09
CA PHE A 391 -37.76 0.61 20.30
C PHE A 391 -36.69 1.70 20.33
N GLU A 392 -36.74 2.61 19.36
CA GLU A 392 -35.79 3.73 19.31
C GLU A 392 -35.88 4.62 20.56
N ASN A 393 -37.10 4.96 20.98
CA ASN A 393 -37.29 5.75 22.17
C ASN A 393 -36.75 5.07 23.41
N GLU A 394 -37.05 3.79 23.58
CA GLU A 394 -36.50 3.06 24.73
C GLU A 394 -34.98 3.08 24.72
N LEU A 395 -34.36 2.84 23.55
CA LEU A 395 -32.91 2.85 23.47
C LEU A 395 -32.35 4.20 23.86
N LYS A 396 -32.97 5.25 23.37
CA LYS A 396 -32.55 6.62 23.73
C LYS A 396 -32.59 6.84 25.24
N ALA A 397 -33.60 6.29 25.89
CA ALA A 397 -33.73 6.42 27.33
C ALA A 397 -32.70 5.59 28.07
N ILE A 398 -32.37 4.41 27.56
CA ILE A 398 -31.55 3.50 28.36
C ILE A 398 -30.05 3.63 28.08
N LEU A 399 -29.67 4.07 26.89
CA LEU A 399 -28.26 4.10 26.52
C LEU A 399 -27.55 5.18 27.30
N PRO A 400 -26.29 4.94 27.68
CA PRO A 400 -25.47 6.08 28.17
C PRO A 400 -25.18 7.02 27.01
N PHE A 401 -24.45 8.11 27.27
CA PHE A 401 -24.32 9.14 26.26
C PHE A 401 -23.57 8.57 25.08
N HIS A 402 -24.01 9.02 23.91
CA HIS A 402 -23.44 8.57 22.67
C HIS A 402 -23.61 9.65 21.59
N ARG A 403 -23.01 9.43 20.43
CA ARG A 403 -22.96 10.42 19.38
C ARG A 403 -24.20 10.34 18.47
N SER A 404 -24.61 9.13 18.07
CA SER A 404 -25.82 8.99 17.25
C SER A 404 -26.40 7.59 17.36
N LEU A 405 -27.67 7.49 16.99
CA LEU A 405 -28.44 6.27 17.01
C LEU A 405 -29.34 6.21 15.81
N ARG A 406 -29.28 5.12 15.06
CA ARG A 406 -30.24 4.88 13.99
CA ARG A 406 -30.23 4.88 13.97
C ARG A 406 -30.75 3.45 14.12
N VAL A 407 -32.03 3.26 13.84
CA VAL A 407 -32.66 1.97 13.94
C VAL A 407 -33.22 1.56 12.58
N ALA A 408 -33.36 0.27 12.38
CA ALA A 408 -33.90 -0.26 11.13
C ALA A 408 -34.67 -1.55 11.42
N ASN A 409 -35.65 -1.82 10.54
CA ASN A 409 -36.32 -3.10 10.52
C ASN A 409 -35.33 -4.15 10.08
N TYR A 410 -35.34 -5.29 10.75
CA TYR A 410 -34.42 -6.36 10.43
C TYR A 410 -35.21 -7.54 9.87
N ASP A 411 -36.22 -7.96 10.61
CA ASP A 411 -37.11 -9.06 10.23
C ASP A 411 -38.36 -8.91 11.09
N ASN A 412 -39.27 -9.87 11.02
CA ASN A 412 -40.50 -9.86 11.84
C ASN A 412 -40.22 -9.77 13.35
N GLN A 413 -40.72 -8.73 13.99
CA GLN A 413 -40.40 -8.43 15.39
C GLN A 413 -38.88 -8.39 15.70
N SER A 414 -38.08 -7.98 14.70
CA SER A 414 -36.63 -7.81 14.88
C SER A 414 -36.23 -6.46 14.36
N TYR A 415 -35.39 -5.77 15.11
CA TYR A 415 -34.86 -4.47 14.76
C TYR A 415 -33.37 -4.51 14.94
N ALA A 416 -32.70 -3.62 14.23
CA ALA A 416 -31.27 -3.43 14.38
C ALA A 416 -31.04 -1.97 14.73
N ALA A 417 -29.99 -1.71 15.49
CA ALA A 417 -29.60 -0.35 15.83
C ALA A 417 -28.12 -0.20 15.56
N VAL A 418 -27.73 0.92 14.97
CA VAL A 418 -26.33 1.30 14.95
C VAL A 418 -26.18 2.47 15.89
N ILE A 419 -25.25 2.30 16.82
CA ILE A 419 -25.01 3.28 17.85
C ILE A 419 -23.56 3.71 17.72
N VAL A 420 -23.35 5.01 17.58
CA VAL A 420 -22.01 5.54 17.40
C VAL A 420 -21.60 6.26 18.67
N GLY A 421 -20.41 5.96 19.19
CA GLY A 421 -19.81 6.74 20.27
C GLY A 421 -20.10 6.27 21.69
N LEU A 422 -20.08 4.96 21.91
CA LEU A 422 -20.19 4.40 23.25
C LEU A 422 -18.81 4.04 23.74
N GLU A 423 -18.67 3.87 25.05
CA GLU A 423 -17.41 3.43 25.66
C GLU A 423 -17.29 1.92 25.60
N SER A 424 -18.41 1.21 25.69
CA SER A 424 -18.40 -0.25 25.57
C SER A 424 -19.71 -0.81 25.02
N SER A 425 -19.71 -2.10 24.74
CA SER A 425 -20.89 -2.77 24.19
C SER A 425 -22.10 -2.54 25.08
N PRO A 426 -23.23 -2.12 24.47
CA PRO A 426 -24.48 -2.02 25.20
C PRO A 426 -25.24 -3.34 25.33
N GLU A 427 -24.62 -4.46 24.96
CA GLU A 427 -25.33 -5.74 24.92
C GLU A 427 -25.93 -6.13 26.29
N GLU A 428 -25.15 -6.06 27.36
CA GLU A 428 -25.64 -6.47 28.68
C GLU A 428 -26.75 -5.56 29.14
N LEU A 429 -26.55 -4.27 28.91
CA LEU A 429 -27.51 -3.28 29.28
C LEU A 429 -28.87 -3.53 28.58
N ILE A 430 -28.82 -3.75 27.28
CA ILE A 430 -30.03 -3.99 26.49
C ILE A 430 -30.71 -5.29 26.96
N THR A 431 -29.89 -6.28 27.29
CA THR A 431 -30.36 -7.58 27.82
C THR A 431 -31.07 -7.41 29.16
N LYS A 432 -30.51 -6.63 30.08
CA LYS A 432 -31.16 -6.42 31.37
C LYS A 432 -32.45 -5.61 31.27
N HIS A 433 -32.62 -4.85 30.19
CA HIS A 433 -33.89 -4.19 29.89
C HIS A 433 -34.90 -5.05 29.12
N GLY A 434 -34.63 -6.34 29.03
CA GLY A 434 -35.63 -7.29 28.60
C GLY A 434 -35.62 -7.61 27.12
N TYR A 435 -34.61 -7.17 26.37
CA TYR A 435 -34.51 -7.51 24.97
C TYR A 435 -33.63 -8.71 24.73
N GLU A 436 -34.06 -9.55 23.80
CA GLU A 436 -33.24 -10.64 23.32
C GLU A 436 -32.30 -10.08 22.28
N VAL A 437 -31.02 -10.09 22.60
CA VAL A 437 -30.03 -9.61 21.68
C VAL A 437 -29.53 -10.79 20.86
N ASP A 438 -29.74 -10.77 19.56
CA ASP A 438 -29.30 -11.86 18.69
C ASP A 438 -27.79 -11.78 18.59
N LYS A 439 -27.28 -10.61 18.23
CA LYS A 439 -25.86 -10.42 18.16
C LYS A 439 -25.49 -8.96 18.03
N VAL A 440 -24.20 -8.72 18.19
CA VAL A 440 -23.63 -7.38 18.12
C VAL A 440 -22.40 -7.49 17.27
N TYR A 441 -22.31 -6.63 16.27
CA TYR A 441 -21.10 -6.48 15.47
C TYR A 441 -20.53 -5.08 15.71
N PRO A 442 -19.19 -4.95 15.73
CA PRO A 442 -18.61 -3.61 15.75
C PRO A 442 -18.88 -2.89 14.45
N VAL A 443 -18.83 -1.56 14.52
CA VAL A 443 -19.04 -0.69 13.36
C VAL A 443 -17.84 0.20 13.27
N GLU A 444 -17.22 0.23 12.09
CA GLU A 444 -16.03 1.04 11.83
C GLU A 444 -16.23 2.02 10.68
N GLY A 445 -15.34 2.99 10.63
CA GLY A 445 -15.31 4.04 9.60
C GLY A 445 -16.24 5.19 9.85
N VAL A 446 -16.88 5.18 11.01
CA VAL A 446 -17.80 6.25 11.41
C VAL A 446 -17.08 7.56 11.80
N LYS B 22 33.56 4.83 14.38
CA LYS B 22 33.78 5.73 13.21
C LYS B 22 32.93 7.00 13.31
N LYS B 23 33.55 8.17 13.15
CA LYS B 23 32.80 9.43 12.96
C LYS B 23 32.34 9.52 11.50
N LEU B 24 31.05 9.73 11.32
CA LEU B 24 30.49 10.01 10.00
C LEU B 24 30.19 11.50 9.91
N ASN B 25 30.99 12.22 9.13
CA ASN B 25 30.82 13.66 8.98
C ASN B 25 29.84 13.95 7.85
N ILE B 26 28.76 14.64 8.17
CA ILE B 26 27.76 14.98 7.17
C ILE B 26 27.51 16.48 7.11
N ALA B 27 26.95 16.90 5.97
CA ALA B 27 26.47 18.25 5.78
C ALA B 27 25.05 18.23 5.25
N LEU B 28 24.27 19.20 5.68
CA LEU B 28 22.93 19.39 5.20
C LEU B 28 22.87 20.57 4.27
N LEU B 29 22.22 20.41 3.12
CA LEU B 29 21.96 21.52 2.23
C LEU B 29 20.49 21.88 2.38
N GLY B 30 20.23 22.96 3.12
CA GLY B 30 18.86 23.40 3.41
C GLY B 30 18.43 23.09 4.84
N LEU B 31 17.59 23.96 5.40
CA LEU B 31 17.11 23.80 6.76
C LEU B 31 15.67 24.32 6.90
N GLY B 32 14.79 23.83 6.05
CA GLY B 32 13.38 24.19 6.21
C GLY B 32 12.76 23.27 7.24
N THR B 33 11.50 22.92 7.05
CA THR B 33 10.85 22.00 7.96
C THR B 33 11.46 20.62 7.83
N VAL B 34 11.79 20.19 6.61
CA VAL B 34 12.37 18.85 6.43
C VAL B 34 13.77 18.78 7.03
N GLY B 35 14.59 19.77 6.70
CA GLY B 35 15.94 19.86 7.27
C GLY B 35 15.94 19.89 8.78
N SER B 36 15.08 20.72 9.36
CA SER B 36 14.98 20.79 10.83
C SER B 36 14.60 19.43 11.41
N GLY B 37 13.63 18.79 10.78
CA GLY B 37 13.22 17.47 11.18
C GLY B 37 14.36 16.47 11.13
N VAL B 38 15.16 16.52 10.06
CA VAL B 38 16.32 15.62 9.95
C VAL B 38 17.28 15.82 11.10
N VAL B 39 17.54 17.08 11.43
CA VAL B 39 18.44 17.39 12.53
C VAL B 39 17.92 16.81 13.84
N LYS B 40 16.66 17.11 14.16
CA LYS B 40 16.04 16.66 15.43
C LYS B 40 16.07 15.15 15.55
N ILE B 41 15.76 14.46 14.45
CA ILE B 41 15.76 12.99 14.46
C ILE B 41 17.14 12.43 14.71
N ILE B 42 18.16 13.01 14.08
CA ILE B 42 19.54 12.61 14.35
C ILE B 42 19.91 12.87 15.81
N GLU B 43 19.60 14.06 16.33
CA GLU B 43 19.90 14.40 17.73
C GLU B 43 19.30 13.37 18.69
N GLU B 44 17.99 13.17 18.54
CA GLU B 44 17.21 12.28 19.38
C GLU B 44 17.68 10.82 19.35
N ASN B 45 18.28 10.41 18.23
CA ASN B 45 18.73 9.03 18.06
C ASN B 45 20.23 8.85 18.05
N ARG B 46 20.99 9.91 18.35
CA ARG B 46 22.44 9.89 18.19
C ARG B 46 23.10 8.85 19.07
N GLN B 47 22.76 8.85 20.36
CA GLN B 47 23.34 7.90 21.31
C GLN B 47 23.03 6.47 20.90
N GLN B 48 21.78 6.25 20.49
CA GLN B 48 21.35 4.94 19.99
C GLN B 48 22.12 4.46 18.74
N ILE B 49 22.38 5.37 17.80
CA ILE B 49 23.13 5.06 16.58
C ILE B 49 24.59 4.73 16.90
N GLN B 50 25.15 5.42 17.89
CA GLN B 50 26.50 5.11 18.38
C GLN B 50 26.51 3.72 19.03
N ASP B 51 25.67 3.54 20.04
CA ASP B 51 25.60 2.29 20.81
C ASP B 51 25.28 1.09 19.91
N THR B 52 24.32 1.23 19.00
CA THR B 52 23.90 0.14 18.11
C THR B 52 24.87 -0.08 16.94
N LEU B 53 24.98 0.90 16.03
CA LEU B 53 25.78 0.72 14.80
C LEU B 53 27.25 1.15 14.92
N ASN B 54 27.67 1.57 16.11
CA ASN B 54 29.04 2.04 16.33
C ASN B 54 29.47 3.15 15.37
N LYS B 55 28.51 4.04 15.07
CA LYS B 55 28.75 5.18 14.19
C LYS B 55 28.36 6.46 14.92
N ASP B 56 29.22 7.48 14.83
CA ASP B 56 28.92 8.79 15.40
C ASP B 56 28.65 9.81 14.29
N ILE B 57 27.39 10.18 14.13
CA ILE B 57 26.99 11.12 13.07
C ILE B 57 27.26 12.55 13.51
N VAL B 58 28.14 13.23 12.79
CA VAL B 58 28.44 14.64 13.07
C VAL B 58 27.93 15.50 11.92
N ILE B 59 26.98 16.37 12.25
CA ILE B 59 26.48 17.39 11.33
C ILE B 59 27.45 18.56 11.39
N LYS B 60 28.38 18.57 10.46
CA LYS B 60 29.47 19.53 10.48
C LYS B 60 29.10 20.88 9.85
N HIS B 61 28.20 20.88 8.86
CA HIS B 61 27.77 22.10 8.19
C HIS B 61 26.30 22.02 7.82
N ILE B 62 25.61 23.14 7.92
CA ILE B 62 24.28 23.27 7.35
C ILE B 62 24.27 24.49 6.45
N LEU B 63 24.02 24.27 5.17
CA LEU B 63 23.82 25.36 4.24
C LEU B 63 22.41 25.93 4.41
N VAL B 64 22.33 27.24 4.64
CA VAL B 64 21.06 27.94 4.65
C VAL B 64 21.15 29.11 3.68
N ARG B 65 20.01 29.53 3.16
CA ARG B 65 19.95 30.71 2.28
C ARG B 65 20.20 32.00 3.08
N ASP B 66 19.65 32.06 4.29
CA ASP B 66 19.75 33.25 5.13
C ASP B 66 19.92 32.89 6.60
N LYS B 67 21.09 33.20 7.17
CA LYS B 67 21.37 32.78 8.55
C LYS B 67 20.45 33.36 9.65
N SER B 68 19.77 34.48 9.34
CA SER B 68 18.96 35.20 10.34
C SER B 68 17.59 34.59 10.63
N LYS B 69 16.96 33.97 9.63
CA LYS B 69 15.58 33.44 9.76
C LYS B 69 15.38 32.51 10.98
N LYS B 70 14.20 32.59 11.60
CA LYS B 70 13.82 31.68 12.70
C LYS B 70 13.46 30.28 12.14
N ARG B 71 13.48 29.23 12.97
CA ARG B 71 13.28 27.86 12.47
C ARG B 71 12.72 26.92 13.56
N PRO B 72 12.20 25.73 13.15
CA PRO B 72 11.67 24.82 14.19
C PRO B 72 12.73 24.29 15.16
N LEU B 73 13.98 24.19 14.70
CA LEU B 73 15.13 23.89 15.57
C LEU B 73 15.27 24.92 16.70
N ASN B 74 14.91 26.17 16.41
CA ASN B 74 15.20 27.31 17.29
C ASN B 74 16.69 27.58 17.19
N ILE B 75 17.21 28.45 18.05
CA ILE B 75 18.64 28.74 18.04
C ILE B 75 19.40 27.47 18.40
N SER B 76 20.41 27.14 17.60
CA SER B 76 21.09 25.88 17.69
C SER B 76 22.61 25.92 17.68
N GLN B 77 23.18 24.72 17.79
CA GLN B 77 24.57 24.49 18.03
C GLN B 77 25.35 24.09 16.80
N TYR B 78 24.70 24.10 15.64
CA TYR B 78 25.34 23.67 14.38
C TYR B 78 25.94 24.84 13.66
N HIS B 79 26.93 24.51 12.86
CA HIS B 79 27.57 25.50 12.05
C HIS B 79 26.75 25.75 10.79
N LEU B 80 26.22 26.98 10.69
CA LEU B 80 25.41 27.41 9.54
C LEU B 80 26.28 28.23 8.62
N THR B 81 26.20 27.95 7.32
CA THR B 81 26.95 28.72 6.33
C THR B 81 26.00 29.09 5.20
N GLU B 82 26.30 30.20 4.51
CA GLU B 82 25.63 30.58 3.26
C GLU B 82 26.47 30.27 2.02
N ASP B 83 27.65 29.69 2.21
CA ASP B 83 28.53 29.38 1.09
C ASP B 83 28.61 27.87 0.83
N VAL B 84 27.95 27.40 -0.24
CA VAL B 84 27.94 25.98 -0.59
C VAL B 84 29.34 25.38 -0.84
N ASN B 85 30.25 26.21 -1.34
CA ASN B 85 31.61 25.77 -1.62
C ASN B 85 32.38 25.40 -0.36
N GLU B 86 32.01 26.00 0.76
CA GLU B 86 32.57 25.62 2.04
C GLU B 86 32.26 24.15 2.35
N ILE B 87 31.10 23.70 1.89
CA ILE B 87 30.70 22.31 2.07
C ILE B 87 31.31 21.42 0.98
N LEU B 88 31.23 21.85 -0.27
CA LEU B 88 31.67 21.01 -1.38
C LEU B 88 33.18 20.81 -1.37
N ASN B 89 33.91 21.77 -0.81
CA ASN B 89 35.36 21.65 -0.72
C ASN B 89 35.86 20.99 0.57
N ASP B 90 34.95 20.56 1.44
CA ASP B 90 35.37 19.96 2.70
C ASP B 90 35.60 18.47 2.49
N ASP B 91 36.86 18.08 2.34
CA ASP B 91 37.16 16.66 2.05
C ASP B 91 36.91 15.75 3.27
N SER B 92 36.72 16.30 4.46
CA SER B 92 36.39 15.47 5.63
C SER B 92 34.96 14.97 5.63
N LEU B 93 34.11 15.52 4.75
CA LEU B 93 32.72 15.09 4.67
C LEU B 93 32.61 13.70 4.02
N ASP B 94 31.74 12.87 4.56
CA ASP B 94 31.46 11.54 4.03
C ASP B 94 30.15 11.54 3.24
N ILE B 95 29.16 12.29 3.71
CA ILE B 95 27.82 12.27 3.13
C ILE B 95 27.21 13.68 3.06
N ILE B 96 26.56 13.98 1.95
CA ILE B 96 25.83 15.23 1.77
C ILE B 96 24.35 14.91 1.73
N VAL B 97 23.59 15.54 2.61
CA VAL B 97 22.15 15.41 2.66
C VAL B 97 21.51 16.68 2.10
N GLU B 98 20.81 16.56 0.98
CA GLU B 98 20.24 17.73 0.31
C GLU B 98 18.72 17.77 0.47
N VAL B 99 18.25 18.87 1.04
CA VAL B 99 16.83 19.08 1.34
C VAL B 99 16.46 20.49 0.96
N MET B 100 17.15 21.01 -0.05
CA MET B 100 17.01 22.40 -0.46
C MET B 100 15.88 22.56 -1.47
N GLY B 101 15.73 21.58 -2.37
CA GLY B 101 14.86 21.74 -3.52
C GLY B 101 15.58 22.45 -4.67
N GLY B 102 14.90 22.54 -5.80
CA GLY B 102 15.39 23.26 -6.96
C GLY B 102 16.21 22.40 -7.90
N ILE B 103 16.25 22.80 -9.16
CA ILE B 103 17.08 22.12 -10.15
C ILE B 103 18.40 22.85 -10.35
N GLU B 104 18.34 24.17 -10.54
CA GLU B 104 19.56 24.99 -10.59
C GLU B 104 19.57 25.95 -9.42
N PRO B 105 20.71 26.02 -8.72
CA PRO B 105 21.97 25.32 -8.98
C PRO B 105 22.10 23.95 -8.29
N THR B 106 21.01 23.45 -7.70
CA THR B 106 21.06 22.30 -6.80
C THR B 106 21.65 21.05 -7.41
N VAL B 107 21.23 20.71 -8.63
CA VAL B 107 21.72 19.51 -9.27
C VAL B 107 23.22 19.55 -9.52
N ASP B 108 23.74 20.71 -9.92
CA ASP B 108 25.20 20.89 -10.06
C ASP B 108 25.95 20.70 -8.75
N TRP B 109 25.36 21.16 -7.64
CA TRP B 109 25.94 20.91 -6.33
C TRP B 109 26.08 19.42 -6.09
N LEU B 110 25.04 18.67 -6.43
CA LEU B 110 25.05 17.23 -6.20
C LEU B 110 26.06 16.53 -7.13
N ARG B 111 26.16 16.99 -8.38
CA ARG B 111 27.14 16.45 -9.33
C ARG B 111 28.57 16.63 -8.78
N THR B 112 28.83 17.82 -8.22
CA THR B 112 30.14 18.09 -7.62
C THR B 112 30.41 17.16 -6.42
N ALA B 113 29.43 17.01 -5.54
CA ALA B 113 29.57 16.14 -4.38
C ALA B 113 29.95 14.72 -4.80
N LEU B 114 29.23 14.19 -5.79
CA LEU B 114 29.46 12.83 -6.27
C LEU B 114 30.84 12.69 -6.93
N LYS B 115 31.24 13.70 -7.69
CA LYS B 115 32.56 13.72 -8.30
C LYS B 115 33.66 13.79 -7.24
N ASN B 116 33.36 14.41 -6.11
CA ASN B 116 34.26 14.44 -4.97
C ASN B 116 34.14 13.21 -4.06
N LYS B 117 33.46 12.17 -4.53
CA LYS B 117 33.37 10.90 -3.81
C LYS B 117 32.60 11.02 -2.50
N LYS B 118 31.56 11.85 -2.49
CA LYS B 118 30.68 11.95 -1.34
C LYS B 118 29.36 11.27 -1.64
N HIS B 119 28.88 10.46 -0.71
CA HIS B 119 27.55 9.88 -0.82
C HIS B 119 26.55 11.01 -0.76
N VAL B 120 25.44 10.85 -1.48
CA VAL B 120 24.40 11.87 -1.53
C VAL B 120 23.04 11.27 -1.18
N ILE B 121 22.37 11.89 -0.21
CA ILE B 121 21.00 11.58 0.10
C ILE B 121 20.18 12.83 -0.18
N THR B 122 19.14 12.70 -1.00
CA THR B 122 18.32 13.84 -1.38
C THR B 122 16.83 13.61 -1.17
N ALA B 123 16.13 14.63 -0.72
CA ALA B 123 14.67 14.62 -0.60
C ALA B 123 14.08 15.70 -1.51
N ASN B 124 14.84 16.06 -2.54
CA ASN B 124 14.52 17.17 -3.43
C ASN B 124 13.29 16.84 -4.27
N LYS B 125 12.19 17.54 -4.01
CA LYS B 125 10.89 17.25 -4.66
C LYS B 125 10.79 17.74 -6.09
N ASP B 126 11.75 18.55 -6.53
CA ASP B 126 11.75 19.08 -7.88
C ASP B 126 12.51 18.23 -8.89
N LEU B 127 13.27 17.26 -8.39
CA LEU B 127 14.00 16.36 -9.30
C LEU B 127 13.04 15.60 -10.21
N LEU B 128 13.40 15.45 -11.47
CA LEU B 128 12.65 14.64 -12.43
C LEU B 128 13.53 13.47 -12.85
N ALA B 129 13.04 12.65 -13.79
CA ALA B 129 13.68 11.41 -14.13
C ALA B 129 15.03 11.66 -14.77
N VAL B 130 15.11 12.66 -15.64
CA VAL B 130 16.36 13.04 -16.28
C VAL B 130 17.43 13.29 -15.20
N HIS B 131 17.04 13.98 -14.13
CA HIS B 131 17.98 14.35 -13.07
C HIS B 131 18.40 13.16 -12.23
N LEU B 132 17.43 12.32 -11.86
CA LEU B 132 17.74 11.11 -11.08
C LEU B 132 18.64 10.14 -11.86
N LYS B 133 18.41 10.04 -13.16
N LYS B 133 18.40 10.02 -13.16
CA LYS B 133 19.17 9.15 -14.01
CA LYS B 133 19.19 9.12 -13.99
C LYS B 133 20.63 9.58 -14.05
C LYS B 133 20.64 9.59 -14.03
N LEU B 134 20.86 10.85 -14.38
CA LEU B 134 22.23 11.39 -14.49
C LEU B 134 22.94 11.37 -13.14
N LEU B 135 22.23 11.60 -12.04
CA LEU B 135 22.85 11.49 -10.71
C LEU B 135 23.16 10.03 -10.33
N GLU B 136 22.23 9.11 -10.59
CA GLU B 136 22.47 7.69 -10.31
C GLU B 136 23.69 7.16 -11.06
N ASP B 137 23.86 7.56 -12.33
CA ASP B 137 25.01 7.12 -13.14
C ASP B 137 26.32 7.71 -12.63
N LEU B 138 26.27 8.99 -12.27
CA LEU B 138 27.45 9.69 -11.77
C LEU B 138 27.88 9.08 -10.45
N ALA B 139 26.90 8.69 -9.63
CA ALA B 139 27.19 8.03 -8.35
C ALA B 139 27.89 6.68 -8.57
N GLU B 140 27.27 5.83 -9.38
CA GLU B 140 27.83 4.51 -9.71
C GLU B 140 29.25 4.64 -10.26
N GLU B 141 29.40 5.59 -11.17
CA GLU B 141 30.68 5.94 -11.78
C GLU B 141 31.76 6.33 -10.75
N ASN B 142 31.35 6.99 -9.67
CA ASN B 142 32.29 7.45 -8.64
C ASN B 142 32.34 6.56 -7.40
N GLY B 143 31.67 5.40 -7.46
CA GLY B 143 31.71 4.44 -6.37
C GLY B 143 31.05 4.89 -5.07
N VAL B 144 30.00 5.70 -5.19
CA VAL B 144 29.27 6.21 -4.03
C VAL B 144 27.77 6.04 -4.26
N ALA B 145 27.01 6.21 -3.19
CA ALA B 145 25.57 5.99 -3.19
C ALA B 145 24.83 7.29 -3.50
N LEU B 146 23.73 7.16 -4.23
CA LEU B 146 22.76 8.20 -4.36
C LEU B 146 21.45 7.61 -3.86
N LYS B 147 20.87 8.23 -2.83
CA LYS B 147 19.59 7.77 -2.27
C LYS B 147 18.56 8.88 -2.39
N PHE B 148 17.43 8.56 -3.02
CA PHE B 148 16.39 9.56 -3.21
C PHE B 148 14.99 9.13 -2.71
N GLU B 149 14.94 8.09 -1.88
CA GLU B 149 13.69 7.63 -1.23
C GLU B 149 12.84 8.78 -0.69
N ALA B 150 13.47 9.70 0.02
CA ALA B 150 12.72 10.80 0.61
C ALA B 150 12.13 11.73 -0.46
N SER B 151 12.74 11.75 -1.64
CA SER B 151 12.26 12.58 -2.76
C SER B 151 10.89 12.13 -3.28
N VAL B 152 10.47 10.91 -2.94
CA VAL B 152 9.15 10.38 -3.32
C VAL B 152 8.29 10.08 -2.09
N ALA B 153 6.99 10.34 -2.19
CA ALA B 153 6.08 10.30 -1.03
C ALA B 153 4.58 10.44 -1.44
N GLY B 154 3.93 9.28 -1.62
CA GLY B 154 2.48 9.24 -1.95
C GLY B 154 1.82 7.90 -1.61
N PRO B 157 7.82 3.81 -2.37
CA PRO B 157 7.66 2.51 -3.01
C PRO B 157 6.41 1.79 -2.52
N ASN B 169 7.85 -8.72 -10.09
CA ASN B 169 7.13 -7.45 -10.11
C ASN B 169 7.29 -6.71 -11.45
N ASN B 170 6.83 -7.33 -12.53
CA ASN B 170 6.85 -6.70 -13.87
C ASN B 170 5.62 -5.82 -14.13
N ILE B 171 5.79 -4.50 -14.01
CA ILE B 171 4.69 -3.55 -14.09
C ILE B 171 4.45 -3.13 -15.53
N SER B 172 3.21 -3.26 -15.99
CA SER B 172 2.85 -2.83 -17.32
C SER B 172 2.05 -1.52 -17.33
N LYS B 173 1.40 -1.19 -16.22
CA LYS B 173 0.54 -0.02 -16.16
C LYS B 173 0.39 0.46 -14.72
N PHE B 174 0.40 1.76 -14.52
CA PHE B 174 -0.05 2.32 -13.25
C PHE B 174 -1.04 3.43 -13.48
N MET B 175 -1.93 3.62 -12.51
CA MET B 175 -2.86 4.73 -12.50
C MET B 175 -2.88 5.29 -11.09
N GLY B 176 -2.89 6.59 -10.98
CA GLY B 176 -2.82 7.20 -9.70
C GLY B 176 -3.61 8.48 -9.56
N ILE B 177 -4.03 8.74 -8.33
CA ILE B 177 -4.49 10.05 -7.94
C ILE B 177 -3.28 10.63 -7.23
N LEU B 178 -2.70 11.65 -7.82
CA LEU B 178 -1.35 12.08 -7.43
C LEU B 178 -1.24 13.53 -7.01
N ASN B 179 -2.37 14.22 -6.88
CA ASN B 179 -2.35 15.57 -6.42
C ASN B 179 -3.53 15.78 -5.47
N GLY B 180 -3.23 16.08 -4.21
CA GLY B 180 -4.24 16.20 -3.16
C GLY B 180 -5.25 17.32 -3.39
N THR B 181 -4.76 18.47 -3.82
CA THR B 181 -5.61 19.63 -4.04
C THR B 181 -6.67 19.44 -5.13
N SER B 182 -6.26 18.92 -6.28
CA SER B 182 -7.21 18.68 -7.38
C SER B 182 -8.21 17.58 -6.98
N ASN B 183 -7.77 16.58 -6.24
CA ASN B 183 -8.69 15.55 -5.79
C ASN B 183 -9.67 16.09 -4.79
N PHE B 184 -9.18 16.93 -3.87
CA PHE B 184 -10.02 17.59 -2.91
C PHE B 184 -11.13 18.39 -3.59
N ILE B 185 -10.77 19.13 -4.63
CA ILE B 185 -11.71 19.94 -5.37
C ILE B 185 -12.80 19.07 -6.03
N LEU B 186 -12.39 18.01 -6.71
CA LEU B 186 -13.35 17.12 -7.37
C LEU B 186 -14.27 16.44 -6.36
N SER B 187 -13.73 16.04 -5.21
CA SER B 187 -14.55 15.46 -4.14
C SER B 187 -15.61 16.45 -3.63
N LYS B 188 -15.18 17.69 -3.43
CA LYS B 188 -16.06 18.74 -2.98
C LYS B 188 -17.18 18.99 -3.99
N MET B 189 -16.82 19.12 -5.27
CA MET B 189 -17.82 19.32 -6.31
C MET B 189 -18.83 18.20 -6.28
N THR B 190 -18.31 16.98 -6.17
CA THR B 190 -19.12 15.77 -6.24
C THR B 190 -20.05 15.65 -5.06
N LYS B 191 -19.50 15.74 -3.85
CA LYS B 191 -20.28 15.49 -2.65
C LYS B 191 -21.20 16.64 -2.32
N GLU B 192 -20.73 17.87 -2.49
CA GLU B 192 -21.49 19.02 -2.04
C GLU B 192 -22.23 19.73 -3.21
N GLN B 193 -22.05 19.24 -4.44
CA GLN B 193 -22.71 19.80 -5.62
C GLN B 193 -22.42 21.31 -5.77
N THR B 194 -21.14 21.65 -5.76
CA THR B 194 -20.67 23.01 -5.99
C THR B 194 -19.98 23.11 -7.33
N THR B 195 -19.85 24.32 -7.84
CA THR B 195 -19.13 24.54 -9.08
C THR B 195 -17.66 24.40 -8.81
N PHE B 196 -16.88 24.25 -9.88
CA PHE B 196 -15.44 24.21 -9.77
C PHE B 196 -14.91 25.45 -9.05
N GLU B 197 -15.42 26.63 -9.44
CA GLU B 197 -15.00 27.92 -8.85
C GLU B 197 -15.24 27.97 -7.34
N GLU B 198 -16.42 27.51 -6.92
CA GLU B 198 -16.76 27.46 -5.49
C GLU B 198 -15.86 26.46 -4.77
N ALA B 199 -15.61 25.32 -5.38
CA ALA B 199 -14.80 24.28 -4.75
C ALA B 199 -13.34 24.74 -4.62
N LEU B 200 -12.83 25.41 -5.65
CA LEU B 200 -11.46 25.94 -5.59
C LEU B 200 -11.34 27.04 -4.51
N ASP B 201 -12.32 27.93 -4.43
CA ASP B 201 -12.29 28.97 -3.37
C ASP B 201 -12.28 28.32 -1.98
N GLU B 202 -13.07 27.27 -1.81
CA GLU B 202 -13.09 26.54 -0.55
C GLU B 202 -11.71 25.92 -0.26
N ALA B 203 -11.09 25.32 -1.28
CA ALA B 203 -9.74 24.77 -1.11
C ALA B 203 -8.70 25.85 -0.73
N LYS B 204 -8.81 27.02 -1.36
CA LYS B 204 -7.97 28.18 -1.00
C LYS B 204 -8.16 28.58 0.46
N ARG B 205 -9.40 28.77 0.91
CA ARG B 205 -9.59 29.18 2.29
C ARG B 205 -9.16 28.10 3.30
N LEU B 206 -9.21 26.83 2.92
CA LEU B 206 -8.88 25.74 3.84
C LEU B 206 -7.40 25.40 3.86
N GLY B 207 -6.60 26.09 3.05
CA GLY B 207 -5.16 25.89 3.01
C GLY B 207 -4.62 24.98 1.92
N PHE B 208 -5.51 24.24 1.24
CA PHE B 208 -5.05 23.22 0.29
C PHE B 208 -4.50 23.84 -1.00
N ALA B 209 -5.24 24.78 -1.58
CA ALA B 209 -4.82 25.42 -2.81
C ALA B 209 -4.16 26.74 -2.44
N GLU B 210 -3.17 27.16 -3.21
CA GLU B 210 -2.56 28.49 -3.04
C GLU B 210 -3.24 29.52 -3.95
N ALA B 211 -2.85 30.79 -3.83
CA ALA B 211 -3.52 31.90 -4.51
C ALA B 211 -3.49 31.76 -6.03
N ASP B 212 -2.35 31.34 -6.54
CA ASP B 212 -2.25 30.85 -7.90
C ASP B 212 -2.16 29.32 -7.76
N PRO B 213 -3.26 28.60 -8.05
CA PRO B 213 -3.31 27.16 -7.81
C PRO B 213 -2.93 26.34 -9.04
N THR B 214 -2.41 27.02 -10.07
CA THR B 214 -2.05 26.43 -11.34
C THR B 214 -1.35 25.06 -11.26
N ASP B 215 -0.36 24.94 -10.39
CA ASP B 215 0.44 23.71 -10.30
C ASP B 215 -0.42 22.48 -9.94
N ASP B 216 -1.45 22.71 -9.13
CA ASP B 216 -2.41 21.68 -8.74
C ASP B 216 -3.46 21.49 -9.83
N VAL B 217 -4.15 22.57 -10.12
CA VAL B 217 -5.34 22.56 -10.98
C VAL B 217 -5.06 22.21 -12.45
N GLU B 218 -3.89 22.56 -12.95
CA GLU B 218 -3.52 22.27 -14.33
C GLU B 218 -2.77 20.96 -14.46
N GLY B 219 -2.65 20.23 -13.35
CA GLY B 219 -2.13 18.88 -13.37
C GLY B 219 -0.62 18.77 -13.46
N VAL B 220 0.10 19.88 -13.22
CA VAL B 220 1.56 19.89 -13.38
C VAL B 220 2.22 19.05 -12.30
N ASP B 221 1.83 19.29 -11.05
CA ASP B 221 2.32 18.47 -9.94
C ASP B 221 2.10 16.96 -10.20
N ALA B 222 0.90 16.61 -10.64
CA ALA B 222 0.58 15.21 -10.95
C ALA B 222 1.46 14.67 -12.09
N ALA B 223 1.72 15.51 -13.09
CA ALA B 223 2.55 15.08 -14.20
C ALA B 223 3.98 14.82 -13.74
N ARG B 224 4.51 15.64 -12.84
CA ARG B 224 5.84 15.40 -12.31
C ARG B 224 5.90 14.02 -11.63
N LYS B 225 4.86 13.67 -10.87
CA LYS B 225 4.84 12.41 -10.17
C LYS B 225 4.67 11.24 -11.14
N VAL B 226 4.01 11.48 -12.26
CA VAL B 226 3.93 10.48 -13.33
C VAL B 226 5.30 10.23 -13.96
N VAL B 227 6.09 11.29 -14.20
CA VAL B 227 7.46 11.13 -14.67
C VAL B 227 8.28 10.27 -13.70
N ILE B 228 8.23 10.61 -12.42
CA ILE B 228 8.97 9.87 -11.40
C ILE B 228 8.46 8.43 -11.29
N THR B 229 7.16 8.26 -11.19
CA THR B 229 6.58 6.90 -11.10
C THR B 229 6.93 6.03 -12.33
N SER B 230 6.96 6.62 -13.52
CA SER B 230 7.36 5.90 -14.73
C SER B 230 8.81 5.45 -14.69
N TYR B 231 9.66 6.32 -14.16
CA TYR B 231 11.07 6.00 -14.02
C TYR B 231 11.27 4.84 -13.05
N LEU B 232 10.59 4.90 -11.92
CA LEU B 232 10.68 3.82 -10.93
C LEU B 232 10.03 2.53 -11.39
N SER B 233 8.90 2.63 -12.09
CA SER B 233 8.16 1.44 -12.52
C SER B 233 8.74 0.75 -13.75
N PHE B 234 9.15 1.56 -14.74
CA PHE B 234 9.57 1.03 -16.02
C PHE B 234 11.04 1.18 -16.34
N ASN B 235 11.80 1.86 -15.47
CA ASN B 235 13.20 2.19 -15.74
C ASN B 235 13.39 2.97 -17.04
N GLN B 236 12.42 3.81 -17.37
CA GLN B 236 12.49 4.63 -18.56
C GLN B 236 12.40 6.08 -18.14
N VAL B 237 13.17 6.92 -18.79
CA VAL B 237 13.17 8.34 -18.55
C VAL B 237 12.24 8.99 -19.54
N ILE B 238 11.21 9.67 -19.05
CA ILE B 238 10.42 10.53 -19.90
C ILE B 238 10.55 11.97 -19.43
N LYS B 239 10.25 12.91 -20.32
CA LYS B 239 10.33 14.32 -19.97
C LYS B 239 8.97 14.79 -19.47
N LEU B 240 8.99 15.82 -18.62
CA LEU B 240 7.73 16.38 -18.15
C LEU B 240 6.78 16.76 -19.30
N ASN B 241 7.33 17.30 -20.38
CA ASN B 241 6.47 17.71 -21.48
C ASN B 241 5.99 16.54 -22.36
N ASP B 242 6.52 15.32 -22.16
CA ASP B 242 5.99 14.13 -22.82
C ASP B 242 4.70 13.65 -22.15
N VAL B 243 4.39 14.16 -20.95
CA VAL B 243 3.16 13.74 -20.27
C VAL B 243 1.99 14.53 -20.85
N LYS B 244 1.09 13.87 -21.57
CA LYS B 244 -0.10 14.53 -22.10
C LYS B 244 -0.96 14.93 -20.92
N ARG B 245 -1.24 16.22 -20.79
CA ARG B 245 -1.71 16.76 -19.56
C ARG B 245 -2.90 17.65 -19.81
N ARG B 246 -3.92 17.46 -19.00
CA ARG B 246 -5.06 18.37 -18.92
C ARG B 246 -5.47 18.43 -17.46
N GLY B 247 -5.77 19.64 -16.99
CA GLY B 247 -6.15 19.84 -15.59
C GLY B 247 -7.65 19.68 -15.40
N ILE B 248 -8.15 20.14 -14.25
CA ILE B 248 -9.55 19.94 -13.85
C ILE B 248 -10.43 21.17 -13.99
N SER B 249 -9.87 22.29 -14.45
CA SER B 249 -10.62 23.54 -14.42
C SER B 249 -11.86 23.52 -15.30
N GLY B 250 -11.87 22.64 -16.31
CA GLY B 250 -13.01 22.49 -17.19
C GLY B 250 -14.03 21.41 -16.81
N VAL B 251 -13.77 20.69 -15.73
CA VAL B 251 -14.73 19.68 -15.24
C VAL B 251 -15.93 20.39 -14.60
N THR B 252 -17.16 20.02 -14.99
CA THR B 252 -18.38 20.68 -14.47
C THR B 252 -19.22 19.68 -13.68
N LEU B 253 -20.15 20.21 -12.89
CA LEU B 253 -21.09 19.37 -12.17
C LEU B 253 -21.84 18.47 -13.09
N THR B 254 -22.18 18.99 -14.28
CA THR B 254 -22.87 18.19 -15.27
C THR B 254 -22.03 16.96 -15.64
N ASP B 255 -20.73 17.15 -15.82
CA ASP B 255 -19.86 16.00 -16.14
C ASP B 255 -19.94 15.00 -15.00
N ILE B 256 -19.84 15.51 -13.78
CA ILE B 256 -19.83 14.68 -12.60
C ILE B 256 -21.13 13.89 -12.45
N ASN B 257 -22.27 14.56 -12.64
CA ASN B 257 -23.56 13.94 -12.43
C ASN B 257 -23.96 12.99 -13.55
N VAL B 258 -23.59 13.31 -14.79
CA VAL B 258 -23.79 12.38 -15.90
C VAL B 258 -22.90 11.14 -15.66
N ALA B 259 -21.63 11.36 -15.29
CA ALA B 259 -20.73 10.23 -14.97
C ALA B 259 -21.32 9.35 -13.87
N ASP B 260 -21.89 10.01 -12.88
CA ASP B 260 -22.50 9.34 -11.75
C ASP B 260 -23.61 8.41 -12.18
N GLN B 261 -24.54 8.93 -12.98
CA GLN B 261 -25.64 8.11 -13.50
C GLN B 261 -25.18 6.96 -14.38
N LEU B 262 -24.08 7.14 -15.11
CA LEU B 262 -23.50 6.05 -15.91
C LEU B 262 -22.68 5.01 -15.09
N GLY B 263 -22.44 5.28 -13.81
CA GLY B 263 -21.71 4.36 -12.93
C GLY B 263 -20.25 4.73 -12.65
N TYR B 264 -19.87 6.01 -12.81
CA TYR B 264 -18.49 6.44 -12.75
C TYR B 264 -18.33 7.66 -11.85
N LYS B 265 -17.15 7.77 -11.24
CA LYS B 265 -16.68 9.02 -10.65
C LYS B 265 -15.73 9.71 -11.61
N ILE B 266 -15.43 10.99 -11.37
CA ILE B 266 -14.40 11.67 -12.14
C ILE B 266 -13.23 11.98 -11.23
N LYS B 267 -12.02 11.57 -11.65
CA LYS B 267 -10.80 11.84 -10.89
C LYS B 267 -9.79 12.37 -11.87
N LEU B 268 -8.84 13.13 -11.35
CA LEU B 268 -7.66 13.49 -12.15
C LEU B 268 -6.69 12.35 -11.98
N ILE B 269 -6.48 11.61 -13.07
CA ILE B 269 -5.69 10.38 -13.05
C ILE B 269 -4.37 10.60 -13.79
N GLY B 270 -3.28 10.21 -13.15
CA GLY B 270 -1.97 10.18 -13.78
C GLY B 270 -1.72 8.73 -14.11
N LYS B 271 -1.34 8.46 -15.34
CA LYS B 271 -1.30 7.13 -15.87
C LYS B 271 -0.04 6.94 -16.64
N GLY B 272 0.57 5.78 -16.47
CA GLY B 272 1.67 5.36 -17.33
C GLY B 272 1.44 3.95 -17.83
N ILE B 273 1.47 3.79 -19.15
CA ILE B 273 1.31 2.49 -19.82
C ILE B 273 2.58 2.18 -20.60
N TYR B 274 3.21 1.03 -20.32
CA TYR B 274 4.47 0.66 -20.93
C TYR B 274 4.19 -0.45 -21.90
N GLU B 275 4.20 -0.13 -23.19
CA GLU B 275 3.91 -1.10 -24.27
C GLU B 275 4.92 -0.94 -25.43
N ASN B 276 5.45 -2.07 -25.90
CA ASN B 276 6.37 -2.13 -27.05
C ASN B 276 7.58 -1.20 -26.90
N GLY B 277 8.28 -1.29 -25.78
CA GLY B 277 9.43 -0.44 -25.51
C GLY B 277 9.16 1.04 -25.19
N LYS B 278 7.89 1.45 -25.22
CA LYS B 278 7.53 2.87 -25.04
C LYS B 278 6.53 3.13 -23.89
N VAL B 279 6.73 4.25 -23.19
CA VAL B 279 5.82 4.70 -22.13
C VAL B 279 4.86 5.75 -22.66
N ASN B 280 3.56 5.50 -22.54
CA ASN B 280 2.57 6.52 -22.81
C ASN B 280 2.12 7.05 -21.48
N ALA B 281 2.37 8.33 -21.24
CA ALA B 281 2.12 8.92 -19.92
C ALA B 281 1.14 10.05 -20.07
N SER B 282 0.24 10.17 -19.11
CA SER B 282 -0.77 11.23 -19.12
C SER B 282 -1.31 11.58 -17.77
N VAL B 283 -1.89 12.76 -17.70
CA VAL B 283 -2.60 13.24 -16.56
C VAL B 283 -3.84 13.91 -17.12
N GLU B 284 -5.02 13.46 -16.72
CA GLU B 284 -6.25 14.13 -17.19
C GLU B 284 -7.49 13.65 -16.47
N PRO B 285 -8.53 14.47 -16.51
CA PRO B 285 -9.81 14.05 -15.96
C PRO B 285 -10.26 12.77 -16.65
N THR B 286 -10.66 11.79 -15.83
CA THR B 286 -10.94 10.45 -16.26
C THR B 286 -12.16 9.94 -15.51
N LEU B 287 -13.07 9.26 -16.21
CA LEU B 287 -14.17 8.59 -15.56
C LEU B 287 -13.63 7.28 -15.05
N ILE B 288 -13.89 6.99 -13.79
CA ILE B 288 -13.44 5.75 -13.17
C ILE B 288 -14.64 5.01 -12.62
N ASP B 289 -14.75 3.75 -13.00
CA ASP B 289 -15.81 2.90 -12.52
C ASP B 289 -15.89 2.93 -11.01
N LYS B 290 -17.09 3.11 -10.48
CA LYS B 290 -17.31 3.24 -9.05
C LYS B 290 -16.84 2.06 -8.22
N LYS B 291 -16.74 0.87 -8.82
CA LYS B 291 -16.26 -0.30 -8.10
C LYS B 291 -14.73 -0.38 -8.03
N HIS B 292 -14.05 0.43 -8.82
CA HIS B 292 -12.60 0.42 -8.84
C HIS B 292 -12.08 1.02 -7.52
N GLN B 293 -11.03 0.42 -6.99
CA GLN B 293 -10.41 0.88 -5.78
CA GLN B 293 -10.45 0.89 -5.74
C GLN B 293 -10.11 2.39 -5.78
N LEU B 294 -9.67 2.89 -6.93
CA LEU B 294 -9.42 4.31 -7.09
C LEU B 294 -10.63 5.23 -6.99
N ALA B 295 -11.81 4.71 -7.29
CA ALA B 295 -13.00 5.52 -7.24
C ALA B 295 -13.30 6.02 -5.83
N ALA B 296 -12.85 5.29 -4.81
CA ALA B 296 -13.16 5.64 -3.43
C ALA B 296 -12.17 6.63 -2.77
N VAL B 297 -11.12 7.00 -3.48
CA VAL B 297 -10.05 7.80 -2.92
C VAL B 297 -10.47 9.26 -2.98
N GLU B 298 -10.77 9.83 -1.83
CA GLU B 298 -11.45 11.11 -1.73
C GLU B 298 -10.58 12.16 -1.05
N ASP B 299 -10.98 13.41 -1.23
CA ASP B 299 -10.38 14.56 -0.56
C ASP B 299 -8.89 14.63 -0.91
N GLU B 300 -8.03 14.94 0.07
CA GLU B 300 -6.63 15.14 -0.21
C GLU B 300 -5.83 13.84 -0.26
N TYR B 301 -6.49 12.69 -0.14
CA TYR B 301 -5.76 11.44 -0.20
C TYR B 301 -5.29 11.16 -1.61
N ASN B 302 -4.17 10.46 -1.70
CA ASN B 302 -3.63 9.99 -2.95
C ASN B 302 -3.57 8.46 -2.96
N ALA B 303 -3.31 7.91 -4.14
CA ALA B 303 -3.17 6.49 -4.29
C ALA B 303 -2.49 6.18 -5.60
N ILE B 304 -1.71 5.10 -5.58
CA ILE B 304 -1.12 4.53 -6.78
C ILE B 304 -1.53 3.08 -6.95
N TYR B 305 -2.12 2.78 -8.11
CA TYR B 305 -2.68 1.52 -8.45
C TYR B 305 -1.83 0.90 -9.55
N VAL B 306 -1.32 -0.30 -9.31
CA VAL B 306 -0.28 -0.88 -10.15
C VAL B 306 -0.79 -2.18 -10.70
N ILE B 307 -0.64 -2.35 -12.01
CA ILE B 307 -1.09 -3.54 -12.73
C ILE B 307 0.15 -4.22 -13.36
N GLY B 308 0.18 -5.54 -13.30
CA GLY B 308 1.29 -6.33 -13.87
C GLY B 308 0.89 -7.71 -14.35
N ALA B 310 -0.17 -11.45 -14.96
CA ALA B 310 0.94 -12.01 -14.21
C ALA B 310 0.54 -12.25 -12.75
N VAL B 311 0.23 -11.15 -12.06
CA VAL B 311 -0.14 -11.14 -10.64
C VAL B 311 -1.39 -10.27 -10.47
N GLY B 312 -1.93 -10.21 -9.26
CA GLY B 312 -3.05 -9.32 -8.99
C GLY B 312 -2.64 -7.85 -9.02
N ASP B 313 -3.63 -6.97 -9.05
CA ASP B 313 -3.37 -5.55 -8.90
C ASP B 313 -2.94 -5.23 -7.48
N THR B 314 -2.23 -4.13 -7.32
CA THR B 314 -1.87 -3.67 -6.01
C THR B 314 -2.13 -2.18 -5.92
N MET B 315 -2.30 -1.67 -4.71
CA MET B 315 -2.51 -0.26 -4.50
C MET B 315 -1.94 0.19 -3.18
N PHE B 316 -1.39 1.40 -3.18
CA PHE B 316 -0.89 2.08 -2.04
C PHE B 316 -1.71 3.37 -1.89
N TYR B 317 -2.23 3.62 -0.70
CA TYR B 317 -3.13 4.73 -0.43
C TYR B 317 -2.59 5.51 0.75
N GLY B 318 -2.62 6.84 0.66
CA GLY B 318 -2.21 7.69 1.77
C GLY B 318 -2.11 9.14 1.32
N LYS B 319 -1.90 10.04 2.26
CA LYS B 319 -1.72 11.45 1.92
C LYS B 319 -0.27 11.68 1.52
N GLY B 320 0.03 12.85 0.98
CA GLY B 320 1.43 13.20 0.70
C GLY B 320 2.18 13.32 2.03
N ALA B 321 3.40 12.78 2.11
CA ALA B 321 4.25 13.02 3.29
C ALA B 321 4.37 14.54 3.40
N GLY B 322 4.38 15.09 4.61
CA GLY B 322 4.81 14.42 5.83
C GLY B 322 6.24 14.87 6.07
N SER B 323 6.42 16.09 6.57
CA SER B 323 7.76 16.61 6.88
C SER B 323 8.56 15.67 7.76
N LEU B 324 7.93 15.20 8.83
CA LEU B 324 8.56 14.23 9.73
C LEU B 324 8.78 12.88 9.04
N ALA B 325 7.84 12.50 8.18
CA ALA B 325 7.98 11.28 7.38
C ALA B 325 9.11 11.40 6.36
N THR B 326 9.18 12.53 5.67
CA THR B 326 10.25 12.80 4.72
C THR B 326 11.59 12.80 5.46
N GLY B 327 11.63 13.49 6.59
CA GLY B 327 12.84 13.55 7.42
C GLY B 327 13.23 12.18 7.92
N SER B 328 12.24 11.40 8.35
CA SER B 328 12.49 10.05 8.82
C SER B 328 13.04 9.15 7.69
N ALA B 329 12.54 9.32 6.48
CA ALA B 329 13.03 8.56 5.33
C ALA B 329 14.49 8.94 4.99
N VAL B 330 14.82 10.23 5.07
CA VAL B 330 16.20 10.69 4.87
C VAL B 330 17.14 10.00 5.86
N VAL B 331 16.76 9.98 7.13
CA VAL B 331 17.65 9.43 8.16
C VAL B 331 17.79 7.92 8.00
N SER B 332 16.72 7.28 7.59
CA SER B 332 16.77 5.86 7.23
C SER B 332 17.81 5.61 6.12
N ASP B 333 17.72 6.35 5.02
CA ASP B 333 18.72 6.24 3.93
C ASP B 333 20.11 6.50 4.44
N LEU B 334 20.23 7.44 5.39
CA LEU B 334 21.50 7.78 5.99
C LEU B 334 22.13 6.61 6.75
N LEU B 335 21.34 5.97 7.60
CA LEU B 335 21.83 4.78 8.32
C LEU B 335 22.19 3.63 7.36
N ASN B 336 21.41 3.46 6.30
CA ASN B 336 21.71 2.46 5.26
C ASN B 336 23.09 2.69 4.65
N VAL B 337 23.36 3.93 4.24
CA VAL B 337 24.64 4.29 3.69
C VAL B 337 25.74 4.12 4.74
N ALA B 338 25.42 4.42 6.01
CA ALA B 338 26.38 4.22 7.10
C ALA B 338 26.73 2.73 7.24
N LEU B 339 25.72 1.87 7.15
CA LEU B 339 25.93 0.41 7.04
C LEU B 339 26.37 0.05 5.61
N PHE B 340 27.57 0.50 5.21
CA PHE B 340 28.03 0.61 3.79
C PHE B 340 29.14 1.65 3.79
N HIS B 346 24.20 -5.11 -7.93
CA HIS B 346 23.77 -3.71 -7.86
C HIS B 346 22.29 -3.56 -8.20
N THR B 347 21.91 -4.08 -9.37
CA THR B 347 20.51 -4.11 -9.83
C THR B 347 19.83 -2.74 -9.79
N PRO B 349 18.24 -7.47 -11.85
CA PRO B 349 17.27 -7.59 -10.76
C PRO B 349 16.17 -8.61 -11.01
N PRO B 350 15.83 -8.87 -12.29
CA PRO B 350 14.79 -9.84 -12.69
C PRO B 350 15.16 -11.29 -12.35
N HIS B 351 14.23 -12.22 -12.60
CA HIS B 351 14.49 -13.63 -12.32
C HIS B 351 13.47 -14.60 -12.93
N PHE B 352 13.97 -15.55 -13.72
CA PHE B 352 13.21 -16.74 -14.17
C PHE B 352 11.73 -16.57 -14.56
N GLU B 353 11.50 -16.37 -15.85
CA GLU B 353 10.17 -16.53 -16.44
C GLU B 353 9.90 -18.02 -16.61
N LEU B 354 10.95 -18.80 -16.84
CA LEU B 354 10.84 -20.24 -16.93
C LEU B 354 10.44 -20.82 -15.58
N GLU B 373 -4.21 -3.49 -25.62
CA GLU B 373 -5.50 -3.17 -25.00
C GLU B 373 -6.15 -1.94 -25.66
N LYS B 374 -7.47 -2.03 -25.86
CA LYS B 374 -8.25 -0.91 -26.40
C LYS B 374 -8.42 0.19 -25.35
N SER B 375 -9.00 1.31 -25.77
CA SER B 375 -9.29 2.44 -24.90
C SER B 375 -10.79 2.72 -24.91
N ASN B 376 -11.25 3.35 -23.84
CA ASN B 376 -12.64 3.72 -23.66
C ASN B 376 -12.76 5.19 -23.45
N PHE B 377 -13.85 5.78 -23.93
CA PHE B 377 -13.96 7.24 -23.99
C PHE B 377 -15.34 7.75 -23.62
N PHE B 378 -15.35 8.92 -23.00
CA PHE B 378 -16.57 9.64 -22.63
C PHE B 378 -16.58 10.87 -23.52
N VAL B 379 -17.56 10.97 -24.41
CA VAL B 379 -17.58 12.02 -25.42
C VAL B 379 -18.81 12.89 -25.24
N VAL B 380 -18.62 14.20 -25.16
CA VAL B 380 -19.69 15.14 -25.04
C VAL B 380 -19.81 15.90 -26.33
N VAL B 381 -21.01 15.89 -26.90
CA VAL B 381 -21.33 16.56 -28.16
C VAL B 381 -22.44 17.59 -27.94
N ASN B 382 -22.28 18.80 -28.49
CA ASN B 382 -23.29 19.84 -28.34
CA ASN B 382 -23.26 19.89 -28.36
C ASN B 382 -23.87 20.24 -29.70
N HIS B 383 -24.89 21.09 -29.68
CA HIS B 383 -25.61 21.54 -30.89
C HIS B 383 -26.12 20.37 -31.70
N VAL B 384 -26.58 19.33 -31.02
CA VAL B 384 -27.14 18.19 -31.70
C VAL B 384 -28.64 18.40 -31.90
N LYS B 385 -29.10 18.36 -33.15
CA LYS B 385 -30.53 18.40 -33.44
C LYS B 385 -31.03 16.96 -33.42
N GLY B 386 -32.27 16.77 -32.98
CA GLY B 386 -32.87 15.44 -33.00
C GLY B 386 -32.74 14.75 -31.66
N SER B 387 -33.33 13.56 -31.60
CA SER B 387 -33.48 12.83 -30.37
C SER B 387 -32.20 12.10 -29.98
N ILE B 388 -32.20 11.59 -28.77
CA ILE B 388 -31.09 10.81 -28.27
C ILE B 388 -30.98 9.47 -29.01
N GLU B 389 -32.12 8.93 -29.41
CA GLU B 389 -32.15 7.67 -30.15
C GLU B 389 -31.49 7.85 -31.52
N ASN B 390 -31.82 8.95 -32.16
CA ASN B 390 -31.21 9.30 -33.44
C ASN B 390 -29.70 9.54 -33.33
N PHE B 391 -29.29 10.23 -32.28
CA PHE B 391 -27.87 10.45 -32.03
C PHE B 391 -27.17 9.10 -31.87
N GLU B 392 -27.74 8.22 -31.07
CA GLU B 392 -27.15 6.91 -30.83
C GLU B 392 -27.01 6.13 -32.13
N ASN B 393 -28.07 6.15 -32.95
CA ASN B 393 -28.03 5.48 -34.26
C ASN B 393 -26.95 6.09 -35.16
N GLU B 394 -26.88 7.40 -35.23
CA GLU B 394 -25.83 8.06 -36.03
C GLU B 394 -24.40 7.69 -35.57
N LEU B 395 -24.20 7.69 -34.26
CA LEU B 395 -22.93 7.31 -33.68
C LEU B 395 -22.56 5.85 -34.01
N LYS B 396 -23.54 4.95 -33.91
CA LYS B 396 -23.35 3.56 -34.33
C LYS B 396 -22.91 3.46 -35.79
N ALA B 397 -23.50 4.27 -36.66
CA ALA B 397 -23.15 4.25 -38.06
C ALA B 397 -21.74 4.83 -38.31
N ILE B 398 -21.33 5.81 -37.52
CA ILE B 398 -20.08 6.53 -37.77
C ILE B 398 -18.83 5.87 -37.18
N LEU B 399 -19.00 5.26 -36.01
CA LEU B 399 -17.86 4.77 -35.27
C LEU B 399 -17.28 3.55 -35.97
N PRO B 400 -15.95 3.34 -35.84
CA PRO B 400 -15.43 2.05 -36.27
C PRO B 400 -15.89 0.98 -35.30
N PHE B 401 -15.51 -0.27 -35.53
CA PHE B 401 -15.99 -1.36 -34.67
C PHE B 401 -15.55 -1.11 -33.25
N HIS B 402 -16.42 -1.39 -32.30
CA HIS B 402 -16.12 -1.18 -30.89
C HIS B 402 -16.94 -2.18 -30.09
N ARG B 403 -16.72 -2.24 -28.78
CA ARG B 403 -17.36 -3.28 -27.94
C ARG B 403 -18.77 -2.86 -27.52
N SER B 404 -18.92 -1.62 -27.04
CA SER B 404 -20.24 -1.17 -26.59
C SER B 404 -20.36 0.34 -26.57
N LEU B 405 -21.60 0.81 -26.55
CA LEU B 405 -21.95 2.21 -26.62
C LEU B 405 -23.16 2.48 -25.76
N ARG B 406 -23.08 3.50 -24.88
CA ARG B 406 -24.25 4.01 -24.17
C ARG B 406 -24.27 5.51 -24.28
N VAL B 407 -25.47 6.08 -24.38
CA VAL B 407 -25.62 7.52 -24.55
CA VAL B 407 -25.65 7.51 -24.58
C VAL B 407 -26.48 8.07 -23.42
N ALA B 408 -26.29 9.35 -23.13
CA ALA B 408 -26.99 10.00 -22.05
C ALA B 408 -27.26 11.44 -22.42
N ASN B 409 -28.33 11.99 -21.86
CA ASN B 409 -28.60 13.43 -21.93
C ASN B 409 -27.57 14.17 -21.12
N TYR B 410 -27.11 15.29 -21.64
CA TYR B 410 -26.06 16.07 -21.00
C TYR B 410 -26.55 17.45 -20.67
N ASP B 411 -27.10 18.13 -21.67
CA ASP B 411 -27.70 19.45 -21.52
C ASP B 411 -28.58 19.65 -22.76
N ASN B 412 -29.15 20.85 -22.92
CA ASN B 412 -29.98 21.17 -24.09
C ASN B 412 -29.23 20.96 -25.41
N GLN B 413 -29.76 20.11 -26.26
CA GLN B 413 -29.10 19.70 -27.51
C GLN B 413 -27.68 19.16 -27.31
N SER B 414 -27.42 18.55 -26.16
CA SER B 414 -26.11 17.96 -25.86
CA SER B 414 -26.13 17.95 -25.88
C SER B 414 -26.30 16.56 -25.32
N TYR B 415 -25.49 15.64 -25.81
CA TYR B 415 -25.52 14.25 -25.40
C TYR B 415 -24.10 13.81 -25.09
N ALA B 416 -23.98 12.82 -24.23
CA ALA B 416 -22.71 12.23 -23.87
C ALA B 416 -22.80 10.79 -24.24
N ALA B 417 -21.67 10.22 -24.63
CA ALA B 417 -21.59 8.81 -25.00
C ALA B 417 -20.41 8.21 -24.28
N VAL B 418 -20.57 7.02 -23.72
CA VAL B 418 -19.39 6.24 -23.35
C VAL B 418 -19.23 5.08 -24.30
N ILE B 419 -18.03 4.98 -24.86
CA ILE B 419 -17.75 4.03 -25.93
C ILE B 419 -16.60 3.16 -25.44
N VAL B 420 -16.82 1.86 -25.45
CA VAL B 420 -15.82 0.93 -24.97
C VAL B 420 -15.19 0.24 -26.17
N GLY B 421 -13.86 0.20 -26.20
CA GLY B 421 -13.13 -0.64 -27.15
C GLY B 421 -12.76 0.02 -28.47
N LEU B 422 -12.29 1.26 -28.42
CA LEU B 422 -11.74 1.92 -29.59
C LEU B 422 -10.23 1.92 -29.47
N GLU B 423 -9.55 2.15 -30.58
CA GLU B 423 -8.08 2.24 -30.56
C GLU B 423 -7.62 3.63 -30.25
N SER B 424 -8.41 4.62 -30.66
CA SER B 424 -8.09 5.99 -30.37
C SER B 424 -9.34 6.83 -30.21
N SER B 425 -9.14 8.06 -29.74
CA SER B 425 -10.22 9.00 -29.56
C SER B 425 -11.02 9.23 -30.84
N PRO B 426 -12.36 9.17 -30.73
CA PRO B 426 -13.20 9.38 -31.91
C PRO B 426 -13.48 10.86 -32.14
N GLU B 427 -12.78 11.73 -31.43
CA GLU B 427 -13.03 13.16 -31.54
C GLU B 427 -12.91 13.73 -32.95
N GLU B 428 -11.79 13.46 -33.62
CA GLU B 428 -11.57 14.02 -34.97
C GLU B 428 -12.60 13.45 -35.93
N LEU B 429 -12.87 12.15 -35.81
CA LEU B 429 -13.84 11.48 -36.66
C LEU B 429 -15.24 12.11 -36.53
N ILE B 430 -15.69 12.26 -35.29
CA ILE B 430 -17.01 12.83 -35.02
C ILE B 430 -17.06 14.27 -35.52
N THR B 431 -15.97 15.00 -35.36
CA THR B 431 -15.84 16.36 -35.88
C THR B 431 -15.95 16.39 -37.41
N LYS B 432 -15.26 15.49 -38.11
CA LYS B 432 -15.34 15.45 -39.58
C LYS B 432 -16.68 15.03 -40.12
N HIS B 433 -17.47 14.33 -39.32
CA HIS B 433 -18.84 14.06 -39.71
C HIS B 433 -19.80 15.24 -39.42
N GLY B 434 -19.31 16.37 -38.91
CA GLY B 434 -20.12 17.59 -38.75
C GLY B 434 -20.68 17.89 -37.36
N TYR B 435 -20.29 17.12 -36.34
CA TYR B 435 -20.72 17.37 -34.96
C TYR B 435 -19.74 18.26 -34.23
N GLU B 436 -20.27 18.98 -33.25
CA GLU B 436 -19.48 19.79 -32.37
C GLU B 436 -19.14 18.99 -31.12
N VAL B 437 -17.90 18.56 -31.01
CA VAL B 437 -17.46 17.82 -29.82
C VAL B 437 -17.04 18.84 -28.80
N ASP B 438 -17.62 18.77 -27.61
CA ASP B 438 -17.19 19.66 -26.55
C ASP B 438 -15.86 19.16 -26.02
N LYS B 439 -15.85 17.91 -25.56
CA LYS B 439 -14.64 17.33 -25.02
C LYS B 439 -14.77 15.82 -24.89
N VAL B 440 -13.63 15.20 -24.64
CA VAL B 440 -13.52 13.76 -24.51
C VAL B 440 -12.65 13.47 -23.30
N TYR B 441 -13.14 12.59 -22.43
CA TYR B 441 -12.36 12.09 -21.29
C TYR B 441 -12.19 10.59 -21.42
N PRO B 442 -11.02 10.06 -21.04
CA PRO B 442 -10.89 8.61 -20.98
C PRO B 442 -11.78 8.01 -19.92
N VAL B 443 -12.09 6.74 -20.10
CA VAL B 443 -12.87 5.98 -19.14
C VAL B 443 -12.04 4.75 -18.73
N GLU B 444 -11.86 4.57 -17.42
CA GLU B 444 -11.09 3.48 -16.86
C GLU B 444 -11.88 2.62 -15.89
N GLY B 445 -11.32 1.45 -15.60
CA GLY B 445 -11.88 0.46 -14.66
C GLY B 445 -12.97 -0.39 -15.28
N VAL B 446 -13.19 -0.21 -16.57
CA VAL B 446 -14.20 -0.99 -17.29
C VAL B 446 -13.80 -2.46 -17.28
N LEU B 447 -14.73 -3.33 -16.93
CA LEU B 447 -14.42 -4.76 -16.77
C LEU B 447 -14.88 -5.54 -17.99
#